data_7SQ2
#
_entry.id   7SQ2
#
_cell.length_a   202.837
_cell.length_b   90.817
_cell.length_c   93.135
_cell.angle_alpha   90.00
_cell.angle_beta   101.19
_cell.angle_gamma   90.00
#
_symmetry.space_group_name_H-M   'C 1 2 1'
#
loop_
_entity.id
_entity.type
_entity.pdbx_description
1 polymer 'Guanine nucleotide-binding protein G(q) subunit alpha'
2 polymer '1-phosphatidylinositol 4,5-bisphosphate phosphodiesterase beta-3'
3 non-polymer 'TETRAFLUOROALUMINATE ION'
4 non-polymer 'MAGNESIUM ION'
5 non-polymer "GUANOSINE-5'-DIPHOSPHATE"
6 non-polymer 'ACETATE ION'
7 non-polymer 'CALCIUM ION'
8 water water
#
loop_
_entity_poly.entity_id
_entity_poly.type
_entity_poly.pdbx_seq_one_letter_code
_entity_poly.pdbx_strand_id
1 'polypeptide(L)'
;GADARRELKLLLLGTGESGKSTFIKQMRIIHGSGYSDEDKRGFTKLVYQNIFTAMQAMIRAMDTLKIPYKYEHNKAHAQL
VREVDVEKVSAFENPYVDAIKSLWNDPGIQECYDRRREYQLSDSTKYYLNDLDRVADPSYLPTQQDVLRVRVPTTGIIEY
PFDLQSVIFRMVDVGGQRSERRKWIHCFENVTSIMFLVALSEYDQVLVESDNENRMEESKALFRTIITYPWFQNSSVILF
LNKKDLLEEKIMYSHLVDYFPEYDGPQRDAQAAREFILKMFVDLNPDSDKIIYSHFTCATDTENIRFVFAAVKDTILQLN
LKEYNLV
;
A
2 'polypeptide(L)'
;GAMDPEFMALQLEPPTVVETLRRGSKFIKWDEETSSRNLVTLRVDPNGFFLYWTGPNMEVDTLDISSIRDTRTGRYARLP
KDPKIREVLGFGGPDARLEEKLMTVVSGPDPVNTVFLNFMAVQDDTAKVWSEELFKLAMNILAQNASRNTFLRKAYTKLK
LQVNQDGRIPVKNILKMFSADKKRVETALESCGLKFNRSESIRPDEFSLEIFERFLNKLCLRPDIDKILLEIGAKGKPYL
TLEQLMDFINQKQRDPRLNEVLYPPLRPSQARLLIEKYEPNQQFLERDQMSMEGFSRYLGGEENGILPLEALDLSTDMTQ
PLSAYFINSSHNTYLTAGQLAGTSSVEMYRQALLWGCRCVELDVWKGRPPEEEPFITHGFTMTTEVPLRDVLEAIAETAF
KTSPYPVILSFENHVDSAKQQAKMAEYCRSIFGDALLIEPLDKYPLAPGVPLPSPQDLMGRILVKNKKRHRPSAGGPDSA
GRKRPLEQSNSALSESSAATEPSSPQLGSPSSDSCPGLSNGEEVGLEKPSLEPQKSLGDEGLNRGPYVLGPADREDEEED
EEEEEQTDPKKPTTDEGTASSEVNATEEMSTLVNYIEPVKFKSFEAARKRNKCFEMSSFVETKAMEQLTKSPMEFVEYNK
QQLSRIYPKGTRVDSSNYMPQLFWNVGCQLVALNFQTLDVAMQLNAGVFEYNGRSGYLLKPEFMRRPDKSFDPFTEVIVD
GIVANALRVKVISGQFLSDRKVGIYVEVDMFGLPVDTRRKYRTRTSQGNSFNPVWDEEPFDFPKVVLPTLASLRIAAFEE
GGKFVGHRILPVSAIRSGYHYVCLRNEANQPLCLPALLIYTEASDYIPDDHQDYAEALINPIKHVSLMDQRARQLAALIG
ESEAQ
;
B
#
loop_
_chem_comp.id
_chem_comp.type
_chem_comp.name
_chem_comp.formula
ACT non-polymer 'ACETATE ION' 'C2 H3 O2 -1'
ALF non-polymer 'TETRAFLUOROALUMINATE ION' 'Al F4 -1'
CA non-polymer 'CALCIUM ION' 'Ca 2'
GDP RNA linking GUANOSINE-5'-DIPHOSPHATE 'C10 H15 N5 O11 P2'
MG non-polymer 'MAGNESIUM ION' 'Mg 2'
#
# COMPACT_ATOMS: atom_id res chain seq x y z
N ARG A 5 -30.70 20.45 -4.05
CA ARG A 5 -30.49 21.66 -3.19
C ARG A 5 -29.35 22.50 -3.78
N ARG A 6 -29.38 23.81 -3.54
CA ARG A 6 -28.36 24.80 -3.96
C ARG A 6 -27.01 24.41 -3.30
N GLU A 7 -26.06 23.94 -4.10
CA GLU A 7 -24.70 23.52 -3.65
C GLU A 7 -23.63 24.45 -4.23
N LEU A 8 -22.90 25.14 -3.35
CA LEU A 8 -21.79 26.06 -3.68
C LEU A 8 -20.47 25.50 -3.15
N LYS A 9 -19.38 25.70 -3.89
CA LYS A 9 -18.06 25.06 -3.61
C LYS A 9 -17.04 26.10 -3.16
N LEU A 10 -16.62 26.02 -1.89
CA LEU A 10 -15.57 26.87 -1.27
C LEU A 10 -14.26 26.10 -1.24
N LEU A 11 -13.15 26.83 -1.30
CA LEU A 11 -11.77 26.27 -1.19
C LEU A 11 -11.12 26.82 0.08
N LEU A 12 -10.51 25.95 0.89
CA LEU A 12 -9.66 26.37 2.03
C LEU A 12 -8.21 26.27 1.59
N LEU A 13 -7.65 27.43 1.23
CA LEU A 13 -6.24 27.55 0.79
C LEU A 13 -5.45 28.22 1.92
N GLY A 14 -4.16 27.88 1.99
CA GLY A 14 -3.25 28.36 3.04
C GLY A 14 -1.87 27.77 2.82
N THR A 15 -0.87 28.45 3.41
CA THR A 15 0.57 28.08 3.36
C THR A 15 0.81 26.66 3.89
N GLY A 16 0.31 26.33 5.09
CA GLY A 16 0.70 25.04 5.71
C GLY A 16 0.92 25.20 7.21
N GLU A 17 -0.01 24.66 8.01
CA GLU A 17 -0.02 24.79 9.49
C GLU A 17 -0.80 26.06 9.86
N SER A 18 -1.61 26.60 8.95
CA SER A 18 -2.39 27.86 9.12
C SER A 18 -3.72 27.61 9.82
N GLY A 19 -4.34 26.44 9.65
CA GLY A 19 -5.58 26.13 10.40
C GLY A 19 -6.76 25.75 9.54
N LYS A 20 -6.50 25.26 8.32
CA LYS A 20 -7.55 24.89 7.33
C LYS A 20 -8.38 23.74 7.89
N SER A 21 -7.70 22.65 8.29
CA SER A 21 -8.34 21.42 8.82
C SER A 21 -9.03 21.69 10.17
N THR A 22 -8.52 22.66 10.94
CA THR A 22 -9.12 23.08 12.22
C THR A 22 -10.43 23.83 11.92
N PHE A 23 -10.41 24.69 10.90
CA PHE A 23 -11.61 25.42 10.45
C PHE A 23 -12.70 24.39 10.08
N ILE A 24 -12.27 23.30 9.42
CA ILE A 24 -13.17 22.20 8.97
C ILE A 24 -13.84 21.56 10.19
N LYS A 25 -13.10 21.35 11.27
CA LYS A 25 -13.62 20.72 12.50
C LYS A 25 -14.69 21.64 13.09
N GLN A 26 -14.46 22.94 13.12
CA GLN A 26 -15.46 23.89 13.69
C GLN A 26 -16.74 23.81 12.84
N MET A 27 -16.61 23.65 11.52
CA MET A 27 -17.79 23.47 10.64
C MET A 27 -18.53 22.20 11.05
N ARG A 28 -17.79 21.13 11.34
CA ARG A 28 -18.38 19.81 11.74
C ARG A 28 -19.03 19.95 13.13
N ILE A 29 -18.49 20.85 13.96
CA ILE A 29 -19.06 21.10 15.32
C ILE A 29 -20.29 22.01 15.21
N ILE A 30 -20.26 23.00 14.31
CA ILE A 30 -21.27 24.10 14.24
C ILE A 30 -22.43 23.73 13.31
N HIS A 31 -22.15 23.16 12.14
CA HIS A 31 -23.16 22.84 11.10
C HIS A 31 -23.18 21.33 10.79
N GLY A 32 -22.23 20.59 11.35
CA GLY A 32 -22.03 19.14 11.10
C GLY A 32 -22.60 18.27 12.20
N SER A 33 -22.16 17.01 12.25
CA SER A 33 -22.62 15.96 13.20
C SER A 33 -21.78 16.01 14.49
N GLY A 34 -21.02 17.09 14.69
CA GLY A 34 -20.22 17.28 15.91
C GLY A 34 -19.33 16.08 16.18
N TYR A 35 -18.91 15.92 17.45
CA TYR A 35 -17.97 14.86 17.89
C TYR A 35 -18.56 14.12 19.10
N SER A 36 -18.93 12.85 18.92
CA SER A 36 -19.47 11.96 19.97
C SER A 36 -18.32 11.41 20.83
N ASP A 37 -18.65 10.70 21.91
CA ASP A 37 -17.66 10.03 22.80
C ASP A 37 -16.82 9.03 21.98
N GLU A 38 -17.45 8.29 21.06
CA GLU A 38 -16.70 7.33 20.19
C GLU A 38 -15.78 8.10 19.26
N ASP A 39 -16.27 9.14 18.58
CA ASP A 39 -15.43 10.00 17.69
C ASP A 39 -14.18 10.46 18.45
N LYS A 40 -14.40 11.02 19.66
CA LYS A 40 -13.32 11.56 20.53
C LYS A 40 -12.28 10.47 20.83
N ARG A 41 -12.76 9.25 21.06
CA ARG A 41 -11.95 8.06 21.40
C ARG A 41 -11.01 7.78 20.23
N GLY A 42 -11.42 8.25 19.05
CA GLY A 42 -10.66 8.10 17.78
C GLY A 42 -9.46 9.02 17.71
N PHE A 43 -9.26 9.89 18.72
CA PHE A 43 -8.18 10.89 18.72
C PHE A 43 -7.15 10.65 19.83
N THR A 44 -7.49 9.88 20.87
CA THR A 44 -6.58 9.61 22.02
C THR A 44 -5.17 9.33 21.50
N LYS A 45 -5.04 8.33 20.64
CA LYS A 45 -3.79 7.89 19.98
C LYS A 45 -3.07 9.11 19.38
N LEU A 46 -3.80 9.97 18.68
CA LEU A 46 -3.20 11.17 18.02
C LEU A 46 -2.71 12.15 19.10
N VAL A 47 -3.44 12.29 20.19
CA VAL A 47 -3.01 13.23 21.28
C VAL A 47 -1.77 12.65 21.95
N TYR A 48 -1.68 11.31 22.05
CA TYR A 48 -0.48 10.67 22.63
C TYR A 48 0.69 10.90 21.68
N GLN A 49 0.46 10.76 20.37
CA GLN A 49 1.54 10.90 19.35
C GLN A 49 2.03 12.35 19.37
N ASN A 50 1.13 13.33 19.40
CA ASN A 50 1.53 14.76 19.35
C ASN A 50 2.48 15.07 20.50
N ILE A 51 2.23 14.50 21.69
CA ILE A 51 3.06 14.77 22.90
C ILE A 51 4.47 14.22 22.68
N PHE A 52 4.56 13.00 22.13
CA PHE A 52 5.85 12.35 21.80
C PHE A 52 6.56 13.17 20.72
N THR A 53 5.87 13.48 19.62
CA THR A 53 6.45 14.28 18.49
C THR A 53 7.08 15.56 19.04
N ALA A 54 6.33 16.25 19.91
CA ALA A 54 6.72 17.56 20.48
C ALA A 54 7.93 17.39 21.40
N MET A 55 7.92 16.38 22.28
CA MET A 55 9.04 16.22 23.25
C MET A 55 10.28 15.73 22.51
N GLN A 56 10.12 15.07 21.36
CA GLN A 56 11.26 14.58 20.54
C GLN A 56 11.91 15.78 19.84
N ALA A 57 11.09 16.71 19.33
CA ALA A 57 11.59 17.93 18.65
C ALA A 57 12.36 18.76 19.67
N MET A 58 11.81 18.91 20.88
CA MET A 58 12.51 19.69 21.94
C MET A 58 13.77 18.93 22.39
N ILE A 59 13.80 17.60 22.28
CA ILE A 59 15.00 16.79 22.66
C ILE A 59 16.13 17.01 21.65
N ARG A 60 15.79 17.15 20.36
CA ARG A 60 16.78 17.51 19.30
C ARG A 60 17.26 18.95 19.53
N ALA A 61 16.34 19.82 19.94
CA ALA A 61 16.60 21.26 20.18
C ALA A 61 17.71 21.42 21.22
N MET A 62 17.74 20.54 22.22
CA MET A 62 18.72 20.59 23.35
C MET A 62 20.14 20.43 22.80
N ASP A 63 20.33 19.55 21.81
CA ASP A 63 21.64 19.31 21.16
C ASP A 63 21.94 20.45 20.16
N THR A 64 21.08 20.60 19.15
CA THR A 64 21.19 21.62 18.08
C THR A 64 21.57 22.98 18.67
N LEU A 65 20.88 23.39 19.74
CA LEU A 65 21.07 24.70 20.42
C LEU A 65 22.08 24.56 21.57
N LYS A 66 22.54 23.33 21.82
CA LYS A 66 23.55 23.04 22.86
C LYS A 66 23.07 23.58 24.22
N ILE A 67 21.86 23.18 24.65
CA ILE A 67 21.30 23.59 25.97
C ILE A 67 21.44 22.43 26.97
N PRO A 68 22.06 22.67 28.14
CA PRO A 68 22.23 21.58 29.11
C PRO A 68 20.95 21.35 29.91
N TYR A 69 20.63 20.08 30.13
CA TYR A 69 19.55 19.59 31.03
C TYR A 69 19.95 19.98 32.46
N LYS A 70 19.21 20.90 33.08
CA LYS A 70 19.47 21.41 34.45
C LYS A 70 19.75 20.22 35.37
N TYR A 71 18.94 19.16 35.26
CA TYR A 71 19.01 17.95 36.13
C TYR A 71 19.56 16.78 35.32
N GLU A 72 20.43 15.99 35.96
CA GLU A 72 21.15 14.84 35.35
C GLU A 72 20.18 13.69 35.02
N HIS A 73 19.20 13.42 35.90
CA HIS A 73 18.29 12.26 35.73
C HIS A 73 17.44 12.44 34.46
N ASN A 74 17.41 13.65 33.89
CA ASN A 74 16.60 13.93 32.67
C ASN A 74 17.35 13.47 31.41
N LYS A 75 18.66 13.24 31.50
CA LYS A 75 19.44 12.75 30.33
C LYS A 75 18.92 11.36 29.94
N ALA A 76 18.61 10.54 30.95
CA ALA A 76 18.09 9.16 30.78
C ALA A 76 16.69 9.22 30.18
N HIS A 77 15.80 10.01 30.80
CA HIS A 77 14.40 10.18 30.32
C HIS A 77 14.40 10.68 28.87
N ALA A 78 15.42 11.48 28.51
CA ALA A 78 15.55 12.04 27.15
C ALA A 78 15.88 10.94 26.16
N GLN A 79 16.64 9.93 26.57
CA GLN A 79 17.05 8.79 25.71
C GLN A 79 15.91 7.78 25.62
N LEU A 80 15.06 7.69 26.65
CA LEU A 80 13.89 6.78 26.65
C LEU A 80 12.86 7.23 25.61
N VAL A 81 12.65 8.54 25.50
CA VAL A 81 11.60 9.15 24.63
C VAL A 81 12.06 9.22 23.17
N ARG A 82 13.32 9.63 22.94
CA ARG A 82 13.91 9.84 21.60
C ARG A 82 13.89 8.55 20.79
N GLU A 83 13.82 7.39 21.45
CA GLU A 83 13.88 6.06 20.77
C GLU A 83 12.49 5.63 20.30
N VAL A 84 11.43 6.28 20.77
CA VAL A 84 10.03 5.84 20.48
C VAL A 84 9.70 6.15 19.01
N ASP A 85 9.15 5.16 18.29
CA ASP A 85 8.60 5.31 16.92
C ASP A 85 7.16 5.79 17.05
N VAL A 86 6.96 7.10 16.93
CA VAL A 86 5.65 7.79 17.14
C VAL A 86 4.55 7.05 16.39
N GLU A 87 4.86 6.55 15.19
CA GLU A 87 3.87 5.92 14.27
C GLU A 87 3.27 4.65 14.90
N LYS A 88 3.82 4.15 16.01
CA LYS A 88 3.36 2.87 16.63
C LYS A 88 2.76 3.14 18.02
N VAL A 89 2.87 4.39 18.50
CA VAL A 89 2.33 4.82 19.82
C VAL A 89 0.80 4.67 19.82
N SER A 90 0.29 3.74 20.63
CA SER A 90 -1.16 3.42 20.75
C SER A 90 -1.61 3.61 22.21
N ALA A 91 -0.64 3.88 23.09
CA ALA A 91 -0.86 4.04 24.55
C ALA A 91 0.15 5.04 25.11
N PHE A 92 -0.11 5.51 26.33
CA PHE A 92 0.71 6.53 27.04
C PHE A 92 0.85 6.11 28.50
N GLU A 93 1.92 5.39 28.84
CA GLU A 93 2.05 4.82 30.21
C GLU A 93 3.46 5.00 30.75
N ASN A 94 3.65 4.65 32.03
CA ASN A 94 5.00 4.65 32.66
C ASN A 94 5.81 3.55 31.96
N PRO A 95 7.12 3.74 31.75
CA PRO A 95 7.85 4.91 32.24
C PRO A 95 7.68 6.25 31.50
N TYR A 96 7.06 6.23 30.32
CA TYR A 96 7.04 7.40 29.39
C TYR A 96 6.38 8.63 30.01
N VAL A 97 5.26 8.44 30.73
CA VAL A 97 4.48 9.54 31.34
C VAL A 97 5.37 10.32 32.33
N ASP A 98 5.96 9.63 33.31
CA ASP A 98 6.81 10.25 34.36
C ASP A 98 8.07 10.87 33.75
N ALA A 99 8.53 10.33 32.62
CA ALA A 99 9.72 10.79 31.88
C ALA A 99 9.39 12.10 31.14
N ILE A 100 8.20 12.22 30.54
CA ILE A 100 7.81 13.48 29.84
C ILE A 100 7.39 14.54 30.86
N LYS A 101 6.73 14.14 31.95
CA LYS A 101 6.39 15.07 33.06
C LYS A 101 7.68 15.71 33.57
N SER A 102 8.73 14.89 33.73
CA SER A 102 10.01 15.34 34.34
C SER A 102 10.80 16.21 33.35
N LEU A 103 10.79 15.87 32.06
CA LEU A 103 11.50 16.64 31.00
C LEU A 103 10.90 18.05 30.89
N TRP A 104 9.57 18.14 30.96
CA TRP A 104 8.83 19.41 30.85
C TRP A 104 9.10 20.32 32.05
N ASN A 105 9.55 19.76 33.18
CA ASN A 105 9.78 20.54 34.42
C ASN A 105 11.25 20.99 34.50
N ASP A 106 12.08 20.56 33.54
CA ASP A 106 13.53 20.83 33.53
C ASP A 106 13.79 22.23 32.98
N PRO A 107 14.23 23.18 33.83
CA PRO A 107 14.51 24.54 33.38
C PRO A 107 15.24 24.58 32.03
N GLY A 108 16.07 23.56 31.78
CA GLY A 108 16.81 23.39 30.51
C GLY A 108 15.86 23.23 29.34
N ILE A 109 14.84 22.37 29.51
CA ILE A 109 13.82 22.11 28.46
C ILE A 109 12.89 23.32 28.35
N GLN A 110 12.73 24.08 29.44
CA GLN A 110 11.84 25.27 29.43
C GLN A 110 12.55 26.39 28.67
N GLU A 111 13.85 26.55 28.92
CA GLU A 111 14.74 27.53 28.24
C GLU A 111 14.72 27.25 26.74
N CYS A 112 14.60 25.97 26.37
CA CYS A 112 14.56 25.50 24.96
C CYS A 112 13.17 25.74 24.38
N TYR A 113 12.10 25.57 25.17
CA TYR A 113 10.72 25.83 24.71
C TYR A 113 10.61 27.31 24.29
N ASP A 114 11.23 28.20 25.07
CA ASP A 114 11.21 29.68 24.85
C ASP A 114 11.85 30.02 23.50
N ARG A 115 12.80 29.19 23.05
CA ARG A 115 13.58 29.42 21.81
C ARG A 115 12.99 28.58 20.67
N ARG A 116 11.70 28.24 20.76
CA ARG A 116 11.00 27.38 19.77
C ARG A 116 11.02 28.05 18.41
N ARG A 117 11.13 29.39 18.40
CA ARG A 117 11.19 30.14 17.11
C ARG A 117 12.39 29.65 16.29
N GLU A 118 13.39 29.04 16.95
CA GLU A 118 14.69 28.64 16.36
C GLU A 118 14.65 27.22 15.77
N TYR A 119 13.55 26.49 15.93
CA TYR A 119 13.34 25.15 15.33
C TYR A 119 11.83 24.95 15.12
N GLN A 120 11.41 23.81 14.55
CA GLN A 120 9.97 23.49 14.32
C GLN A 120 9.39 22.72 15.51
N LEU A 121 8.34 23.29 16.11
CA LEU A 121 7.54 22.74 17.23
C LEU A 121 6.08 23.18 17.06
N SER A 122 5.15 22.22 17.12
CA SER A 122 3.71 22.51 16.94
C SER A 122 3.23 23.53 17.97
N ASP A 123 2.12 24.20 17.67
CA ASP A 123 1.50 25.24 18.54
C ASP A 123 0.80 24.62 19.76
N SER A 124 0.31 23.38 19.67
CA SER A 124 -0.46 22.77 20.79
C SER A 124 0.46 22.07 21.79
N THR A 125 1.78 22.31 21.71
CA THR A 125 2.76 21.72 22.66
C THR A 125 2.36 22.03 24.11
N LYS A 126 2.50 23.27 24.54
CA LYS A 126 2.22 23.75 25.92
C LYS A 126 0.81 23.36 26.36
N TYR A 127 -0.14 23.37 25.43
CA TYR A 127 -1.56 23.12 25.74
C TYR A 127 -1.69 21.71 26.35
N TYR A 128 -0.97 20.77 25.74
CA TYR A 128 -0.99 19.32 26.05
C TYR A 128 -0.02 19.02 27.20
N LEU A 129 1.20 19.53 27.11
CA LEU A 129 2.25 19.21 28.12
C LEU A 129 1.85 19.75 29.50
N ASN A 130 1.14 20.87 29.57
CA ASN A 130 0.66 21.47 30.84
C ASN A 130 -0.55 20.69 31.37
N ASP A 131 -1.11 19.77 30.58
CA ASP A 131 -2.30 18.96 31.00
C ASP A 131 -1.98 17.46 30.95
N LEU A 132 -0.72 17.07 31.13
CA LEU A 132 -0.31 15.64 31.10
C LEU A 132 -1.16 14.79 32.07
N ASP A 133 -1.31 15.20 33.34
CA ASP A 133 -2.11 14.40 34.30
C ASP A 133 -3.41 13.97 33.62
N ARG A 134 -4.18 14.96 33.12
CA ARG A 134 -5.51 14.69 32.53
C ARG A 134 -5.36 13.76 31.32
N VAL A 135 -4.26 13.91 30.57
CA VAL A 135 -4.02 13.10 29.36
C VAL A 135 -3.48 11.72 29.73
N ALA A 136 -2.69 11.60 30.81
CA ALA A 136 -2.08 10.31 31.25
C ALA A 136 -3.12 9.40 31.93
N ASP A 137 -4.06 10.01 32.66
CA ASP A 137 -5.14 9.28 33.38
C ASP A 137 -5.58 8.10 32.50
N PRO A 138 -5.71 6.87 33.04
CA PRO A 138 -6.15 5.75 32.23
C PRO A 138 -7.65 5.84 31.87
N SER A 139 -8.36 6.84 32.39
CA SER A 139 -9.79 7.07 32.11
C SER A 139 -9.94 8.28 31.17
N TYR A 140 -8.83 8.70 30.56
CA TYR A 140 -8.77 9.92 29.73
C TYR A 140 -9.69 9.83 28.50
N LEU A 141 -10.57 10.82 28.36
CA LEU A 141 -11.36 11.02 27.12
C LEU A 141 -11.08 12.42 26.59
N PRO A 142 -10.55 12.56 25.36
CA PRO A 142 -10.24 13.88 24.79
C PRO A 142 -11.47 14.81 24.76
N THR A 143 -11.29 16.02 25.29
CA THR A 143 -12.36 17.06 25.21
C THR A 143 -12.42 17.57 23.76
N GLN A 144 -13.50 18.27 23.42
CA GLN A 144 -13.65 18.82 22.05
C GLN A 144 -12.51 19.80 21.77
N GLN A 145 -12.14 20.61 22.77
CA GLN A 145 -10.97 21.54 22.65
C GLN A 145 -9.70 20.72 22.37
N ASP A 146 -9.62 19.51 22.93
CA ASP A 146 -8.49 18.57 22.74
C ASP A 146 -8.42 18.11 21.28
N VAL A 147 -9.58 17.94 20.63
CA VAL A 147 -9.66 17.51 19.20
C VAL A 147 -9.26 18.67 18.29
N LEU A 148 -9.69 19.89 18.64
CA LEU A 148 -9.45 21.11 17.83
C LEU A 148 -7.96 21.44 17.84
N ARG A 149 -7.23 20.95 18.85
CA ARG A 149 -5.78 21.25 19.02
C ARG A 149 -4.90 20.20 18.34
N VAL A 150 -5.41 18.99 18.11
CA VAL A 150 -4.50 17.92 17.60
C VAL A 150 -3.90 18.41 16.29
N ARG A 151 -2.71 17.89 15.98
CA ARG A 151 -1.97 18.12 14.71
C ARG A 151 -1.94 16.81 13.91
N VAL A 152 -2.50 16.86 12.69
CA VAL A 152 -2.52 15.73 11.72
C VAL A 152 -2.30 16.30 10.33
N PRO A 153 -1.05 16.28 9.82
CA PRO A 153 -0.77 16.87 8.52
C PRO A 153 -1.79 16.38 7.47
N THR A 154 -2.37 17.33 6.73
CA THR A 154 -3.30 17.06 5.61
C THR A 154 -2.49 16.91 4.32
N THR A 155 -2.71 15.82 3.59
CA THR A 155 -2.17 15.61 2.22
C THR A 155 -3.31 15.25 1.26
N GLY A 156 -3.27 15.79 0.03
CA GLY A 156 -4.26 15.51 -1.03
C GLY A 156 -5.36 16.54 -1.06
N ILE A 157 -6.54 16.12 -1.54
CA ILE A 157 -7.74 17.00 -1.72
C ILE A 157 -8.97 16.28 -1.13
N ILE A 158 -9.55 16.85 -0.07
CA ILE A 158 -10.70 16.21 0.63
C ILE A 158 -11.90 17.16 0.55
N GLU A 159 -13.01 16.68 -0.01
CA GLU A 159 -14.28 17.45 -0.09
C GLU A 159 -15.14 17.12 1.14
N TYR A 160 -15.53 18.14 1.91
CA TYR A 160 -16.47 18.05 3.05
C TYR A 160 -17.72 18.89 2.76
N PRO A 161 -18.87 18.27 2.44
CA PRO A 161 -20.13 19.02 2.29
C PRO A 161 -20.78 19.32 3.65
N PHE A 162 -21.38 20.51 3.79
CA PHE A 162 -22.11 20.94 5.00
C PHE A 162 -23.43 21.60 4.59
N ASP A 163 -24.52 21.14 5.20
CA ASP A 163 -25.90 21.62 4.96
C ASP A 163 -26.19 22.78 5.92
N LEU A 164 -26.19 24.01 5.39
CA LEU A 164 -26.63 25.21 6.16
C LEU A 164 -28.07 25.55 5.75
N GLN A 165 -28.89 24.50 5.59
CA GLN A 165 -30.33 24.59 5.25
C GLN A 165 -30.51 25.47 4.00
N SER A 166 -30.42 26.79 4.18
CA SER A 166 -30.49 27.83 3.11
C SER A 166 -29.64 27.43 1.90
N VAL A 167 -28.49 26.77 2.14
CA VAL A 167 -27.52 26.38 1.09
C VAL A 167 -26.69 25.20 1.59
N ILE A 168 -25.98 24.51 0.69
CA ILE A 168 -25.07 23.36 1.00
C ILE A 168 -23.68 23.75 0.50
N PHE A 169 -22.76 24.02 1.42
CA PHE A 169 -21.36 24.41 1.09
C PHE A 169 -20.48 23.15 1.03
N ARG A 170 -19.89 22.92 -0.15
CA ARG A 170 -18.90 21.85 -0.37
C ARG A 170 -17.50 22.43 -0.15
N MET A 171 -17.02 22.37 1.10
CA MET A 171 -15.71 22.94 1.50
C MET A 171 -14.59 21.96 1.13
N VAL A 172 -13.53 22.47 0.52
CA VAL A 172 -12.41 21.59 0.04
C VAL A 172 -11.15 21.93 0.85
N ASP A 173 -10.72 20.97 1.67
CA ASP A 173 -9.49 21.04 2.48
C ASP A 173 -8.36 20.44 1.64
N VAL A 174 -7.17 21.07 1.69
CA VAL A 174 -5.99 20.64 0.89
C VAL A 174 -4.73 20.71 1.77
N GLY A 175 -3.62 20.20 1.24
CA GLY A 175 -2.31 20.33 1.91
C GLY A 175 -1.71 21.69 1.60
N GLY A 176 -1.04 22.31 2.57
CA GLY A 176 -0.40 23.63 2.45
C GLY A 176 1.07 23.56 2.04
N GLN A 177 1.78 22.50 2.43
CA GLN A 177 3.22 22.38 2.07
C GLN A 177 3.40 22.61 0.56
N ARG A 178 4.54 23.15 0.15
CA ARG A 178 4.84 23.45 -1.27
C ARG A 178 4.46 22.28 -2.18
N SER A 179 4.89 21.05 -1.84
CA SER A 179 4.67 19.85 -2.68
C SER A 179 3.16 19.64 -2.89
N GLU A 180 2.36 19.98 -1.89
CA GLU A 180 0.88 19.79 -1.93
C GLU A 180 0.25 20.73 -2.97
N ARG A 181 0.92 21.84 -3.28
CA ARG A 181 0.33 22.91 -4.13
C ARG A 181 0.34 22.51 -5.61
N ARG A 182 1.06 21.45 -5.96
CA ARG A 182 1.07 20.95 -7.37
C ARG A 182 -0.25 20.24 -7.66
N LYS A 183 -0.99 19.91 -6.59
CA LYS A 183 -2.24 19.11 -6.70
C LYS A 183 -3.43 20.06 -6.85
N TRP A 184 -3.36 21.20 -6.16
CA TRP A 184 -4.41 22.26 -6.06
C TRP A 184 -5.20 22.41 -7.37
N ILE A 185 -4.54 22.38 -8.52
CA ILE A 185 -5.17 22.60 -9.86
C ILE A 185 -6.29 21.58 -10.11
N HIS A 186 -6.32 20.49 -9.34
CA HIS A 186 -7.33 19.41 -9.53
C HIS A 186 -8.59 19.65 -8.69
N CYS A 187 -8.72 20.83 -8.09
CA CYS A 187 -9.94 21.24 -7.34
C CYS A 187 -10.32 22.70 -7.67
N PHE A 188 -9.86 23.20 -8.82
CA PHE A 188 -10.03 24.64 -9.22
C PHE A 188 -11.28 24.81 -10.10
N GLU A 189 -11.87 23.72 -10.59
CA GLU A 189 -13.06 23.73 -11.49
C GLU A 189 -14.31 24.10 -10.68
N ASN A 190 -15.06 25.08 -11.20
CA ASN A 190 -16.36 25.58 -10.68
C ASN A 190 -16.22 25.95 -9.19
N VAL A 191 -15.41 26.97 -8.89
CA VAL A 191 -15.18 27.47 -7.50
C VAL A 191 -16.00 28.75 -7.31
N THR A 192 -16.73 28.84 -6.19
CA THR A 192 -17.61 29.99 -5.86
C THR A 192 -16.80 30.99 -5.02
N SER A 193 -16.10 30.50 -4.00
CA SER A 193 -15.26 31.36 -3.12
C SER A 193 -14.04 30.58 -2.63
N ILE A 194 -12.95 31.33 -2.39
CA ILE A 194 -11.68 30.79 -1.81
C ILE A 194 -11.43 31.56 -0.53
N MET A 195 -11.53 30.83 0.60
CA MET A 195 -11.25 31.36 1.94
C MET A 195 -9.78 31.05 2.27
N PHE A 196 -8.95 32.09 2.32
CA PHE A 196 -7.47 31.94 2.51
C PHE A 196 -7.12 32.13 4.00
N LEU A 197 -6.46 31.15 4.61
CA LEU A 197 -5.98 31.29 6.00
C LEU A 197 -4.49 31.67 6.01
N VAL A 198 -4.13 32.67 6.81
CA VAL A 198 -2.72 33.04 7.12
C VAL A 198 -2.55 33.01 8.65
N ALA A 199 -1.42 32.48 9.10
CA ALA A 199 -1.01 32.44 10.52
C ALA A 199 -0.39 33.79 10.93
N LEU A 200 -1.05 34.52 11.82
CA LEU A 200 -0.56 35.84 12.30
C LEU A 200 0.69 35.65 13.14
N SER A 201 0.91 34.43 13.63
CA SER A 201 1.99 34.12 14.60
C SER A 201 3.30 33.78 13.88
N GLU A 202 3.24 33.48 12.58
CA GLU A 202 4.39 32.92 11.82
C GLU A 202 5.27 34.03 11.24
N TYR A 203 5.13 35.28 11.69
CA TYR A 203 5.91 36.42 11.14
C TYR A 203 7.39 36.28 11.49
N ASP A 204 7.74 35.53 12.55
CA ASP A 204 9.15 35.33 12.95
C ASP A 204 9.55 33.85 12.84
N GLN A 205 8.86 33.10 11.98
CA GLN A 205 9.13 31.66 11.78
C GLN A 205 9.59 31.42 10.33
N VAL A 206 10.15 30.23 10.07
CA VAL A 206 10.61 29.77 8.73
C VAL A 206 9.82 28.52 8.33
N LEU A 207 9.80 28.24 7.02
CA LEU A 207 9.06 27.08 6.47
C LEU A 207 9.70 25.77 6.93
N VAL A 208 8.91 24.70 6.98
CA VAL A 208 9.40 23.33 7.28
C VAL A 208 10.00 22.79 5.96
N GLU A 209 9.46 23.30 4.85
CA GLU A 209 9.91 22.95 3.48
C GLU A 209 11.32 23.52 3.22
N SER A 210 11.59 24.69 3.81
CA SER A 210 12.80 25.52 3.56
C SER A 210 13.04 26.46 4.76
N ASP A 211 14.10 26.19 5.51
CA ASP A 211 14.37 26.81 6.84
C ASP A 211 15.12 28.14 6.74
N ASN A 212 15.30 28.71 5.55
CA ASN A 212 15.92 30.05 5.40
C ASN A 212 14.91 31.03 4.78
N GLU A 213 13.67 30.57 4.57
CA GLU A 213 12.57 31.38 3.96
C GLU A 213 11.46 31.59 4.99
N ASN A 214 11.01 32.84 5.11
CA ASN A 214 10.05 33.33 6.15
C ASN A 214 8.63 32.91 5.77
N ARG A 215 7.91 32.37 6.75
CA ARG A 215 6.57 31.75 6.59
C ARG A 215 5.55 32.78 6.08
N MET A 216 5.50 33.94 6.74
CA MET A 216 4.53 35.02 6.42
C MET A 216 4.87 35.61 5.04
N GLU A 217 6.15 35.57 4.65
CA GLU A 217 6.56 36.02 3.31
C GLU A 217 5.98 35.06 2.27
N GLU A 218 5.92 33.77 2.62
CA GLU A 218 5.38 32.67 1.77
C GLU A 218 3.87 32.85 1.60
N SER A 219 3.11 32.86 2.70
CA SER A 219 1.64 32.99 2.61
C SER A 219 1.26 34.28 1.84
N LYS A 220 1.98 35.37 2.11
CA LYS A 220 1.80 36.70 1.46
C LYS A 220 1.94 36.53 -0.07
N ALA A 221 3.02 35.93 -0.54
CA ALA A 221 3.27 35.72 -1.98
C ALA A 221 2.21 34.76 -2.56
N LEU A 222 1.85 33.70 -1.83
CA LEU A 222 0.87 32.69 -2.31
C LEU A 222 -0.50 33.34 -2.50
N PHE A 223 -0.91 34.20 -1.55
CA PHE A 223 -2.20 34.94 -1.61
C PHE A 223 -2.23 35.90 -2.79
N ARG A 224 -1.22 36.78 -2.87
CA ARG A 224 -1.12 37.83 -3.91
C ARG A 224 -1.11 37.20 -5.31
N THR A 225 -0.70 35.93 -5.39
CA THR A 225 -0.57 35.16 -6.65
C THR A 225 -1.92 34.55 -7.03
N ILE A 226 -2.49 33.79 -6.09
CA ILE A 226 -3.71 32.94 -6.27
C ILE A 226 -4.93 33.77 -6.64
N ILE A 227 -5.05 35.02 -6.17
CA ILE A 227 -6.24 35.88 -6.41
C ILE A 227 -6.22 36.48 -7.83
N THR A 228 -5.14 36.24 -8.58
CA THR A 228 -4.98 36.75 -9.97
C THR A 228 -5.06 35.57 -10.96
N TYR A 229 -5.58 34.43 -10.53
CA TYR A 229 -5.73 33.23 -11.41
C TYR A 229 -7.11 33.26 -12.07
N PRO A 230 -7.23 32.69 -13.29
CA PRO A 230 -8.45 32.83 -14.08
C PRO A 230 -9.62 31.99 -13.55
N TRP A 231 -9.34 30.91 -12.81
CA TRP A 231 -10.40 30.05 -12.22
C TRP A 231 -11.22 30.84 -11.20
N PHE A 232 -10.72 32.00 -10.75
CA PHE A 232 -11.29 32.75 -9.61
C PHE A 232 -11.73 34.17 -9.98
N GLN A 233 -11.88 34.48 -11.28
CA GLN A 233 -12.27 35.86 -11.70
C GLN A 233 -13.72 36.15 -11.29
N ASN A 234 -14.54 35.11 -11.10
CA ASN A 234 -15.96 35.24 -10.66
C ASN A 234 -16.16 34.54 -9.31
N SER A 235 -15.15 34.56 -8.44
CA SER A 235 -15.24 33.88 -7.11
C SER A 235 -14.74 34.82 -6.01
N SER A 236 -15.54 34.97 -4.96
CA SER A 236 -15.25 35.90 -3.83
C SER A 236 -14.03 35.36 -3.06
N VAL A 237 -13.38 36.26 -2.32
CA VAL A 237 -12.13 35.91 -1.58
C VAL A 237 -12.27 36.46 -0.15
N ILE A 238 -12.36 35.52 0.81
CA ILE A 238 -12.41 35.80 2.27
C ILE A 238 -11.03 35.47 2.85
N LEU A 239 -10.41 36.44 3.50
CA LEU A 239 -9.06 36.29 4.11
C LEU A 239 -9.20 36.21 5.63
N PHE A 240 -8.86 35.04 6.19
CA PHE A 240 -8.91 34.78 7.65
C PHE A 240 -7.50 34.90 8.23
N LEU A 241 -7.25 35.95 9.01
CA LEU A 241 -5.96 36.18 9.70
C LEU A 241 -6.08 35.51 11.07
N ASN A 242 -5.67 34.23 11.05
CA ASN A 242 -5.88 33.19 12.07
C ASN A 242 -4.77 33.28 13.13
N LYS A 243 -4.91 32.51 14.22
CA LYS A 243 -3.93 32.44 15.34
C LYS A 243 -3.75 33.83 15.94
N LYS A 244 -4.83 34.59 16.05
CA LYS A 244 -4.78 35.94 16.68
C LYS A 244 -4.48 35.79 18.18
N ASP A 245 -4.66 34.60 18.77
CA ASP A 245 -4.37 34.32 20.21
C ASP A 245 -2.86 34.18 20.41
N LEU A 246 -2.18 33.56 19.45
CA LEU A 246 -0.71 33.33 19.48
C LEU A 246 0.03 34.63 19.17
N LEU A 247 -0.57 35.52 18.39
CA LEU A 247 0.02 36.85 18.07
C LEU A 247 0.00 37.73 19.32
N GLU A 248 -1.09 37.67 20.08
CA GLU A 248 -1.29 38.48 21.31
C GLU A 248 -0.16 38.19 22.30
N GLU A 249 0.25 36.93 22.39
CA GLU A 249 1.28 36.47 23.36
C GLU A 249 2.67 36.81 22.83
N LYS A 250 2.94 36.36 21.60
CA LYS A 250 4.29 36.40 20.96
C LYS A 250 4.72 37.85 20.72
N ILE A 251 3.78 38.68 20.30
CA ILE A 251 4.06 40.11 19.93
C ILE A 251 4.75 40.80 21.11
N MET A 252 4.57 40.26 22.32
CA MET A 252 5.12 40.86 23.56
C MET A 252 6.64 40.72 23.60
N TYR A 253 7.23 39.77 22.87
CA TYR A 253 8.71 39.53 22.96
C TYR A 253 9.36 39.31 21.58
N SER A 254 8.57 39.17 20.51
CA SER A 254 9.09 38.99 19.13
C SER A 254 8.58 40.14 18.25
N HIS A 255 9.41 41.17 18.12
CA HIS A 255 9.06 42.44 17.43
C HIS A 255 8.90 42.20 15.92
N LEU A 256 7.77 42.69 15.39
CA LEU A 256 7.45 42.61 13.94
C LEU A 256 8.49 43.38 13.11
N VAL A 257 9.00 44.51 13.61
CA VAL A 257 9.95 45.36 12.81
C VAL A 257 11.26 44.62 12.54
N ASP A 258 11.54 43.53 13.28
CA ASP A 258 12.79 42.76 13.13
C ASP A 258 12.66 41.73 12.00
N TYR A 259 11.45 41.48 11.48
CA TYR A 259 11.22 40.50 10.38
C TYR A 259 10.63 41.23 9.16
N PHE A 260 9.86 42.28 9.42
CA PHE A 260 9.26 43.17 8.38
C PHE A 260 9.64 44.61 8.74
N PRO A 261 10.75 45.13 8.17
CA PRO A 261 11.29 46.43 8.57
C PRO A 261 10.48 47.67 8.14
N GLU A 262 9.53 47.50 7.21
CA GLU A 262 8.69 48.63 6.73
C GLU A 262 7.50 48.80 7.68
N TYR A 263 7.54 48.10 8.82
CA TYR A 263 6.55 48.31 9.92
C TYR A 263 7.05 49.43 10.83
N ASP A 264 6.38 50.59 10.79
CA ASP A 264 6.74 51.78 11.62
C ASP A 264 5.67 51.99 12.69
N GLY A 265 4.97 50.92 13.07
CA GLY A 265 4.00 50.93 14.17
C GLY A 265 4.72 50.71 15.50
N PRO A 266 4.05 50.91 16.66
CA PRO A 266 4.68 50.67 17.95
C PRO A 266 4.87 49.17 18.21
N GLN A 267 5.78 48.83 19.13
CA GLN A 267 6.08 47.42 19.52
C GLN A 267 5.04 46.95 20.55
N ARG A 268 5.12 45.66 20.92
CA ARG A 268 4.28 45.04 21.97
C ARG A 268 2.81 45.46 21.79
N ASP A 269 2.36 45.56 20.55
CA ASP A 269 0.97 45.96 20.20
C ASP A 269 0.36 44.94 19.24
N ALA A 270 -0.66 44.22 19.71
CA ALA A 270 -1.33 43.16 18.93
C ALA A 270 -2.11 43.73 17.74
N GLN A 271 -2.80 44.86 17.93
CA GLN A 271 -3.67 45.42 16.87
C GLN A 271 -2.85 46.11 15.77
N ALA A 272 -1.91 46.98 16.12
CA ALA A 272 -1.04 47.67 15.14
C ALA A 272 -0.33 46.63 14.27
N ALA A 273 0.17 45.56 14.89
CA ALA A 273 0.83 44.43 14.19
C ALA A 273 -0.17 43.75 13.25
N ARG A 274 -1.39 43.53 13.76
CA ARG A 274 -2.53 42.89 13.05
C ARG A 274 -2.87 43.63 11.76
N GLU A 275 -3.08 44.95 11.87
CA GLU A 275 -3.55 45.82 10.76
C GLU A 275 -2.41 46.08 9.76
N PHE A 276 -1.16 45.86 10.16
CA PHE A 276 0.00 45.99 9.23
C PHE A 276 0.04 44.77 8.32
N ILE A 277 -0.19 43.59 8.90
CA ILE A 277 -0.17 42.28 8.19
C ILE A 277 -1.34 42.21 7.21
N LEU A 278 -2.49 42.78 7.59
CA LEU A 278 -3.68 42.85 6.69
C LEU A 278 -3.32 43.71 5.46
N LYS A 279 -2.72 44.88 5.68
CA LYS A 279 -2.35 45.81 4.56
C LYS A 279 -1.46 45.08 3.55
N MET A 280 -0.44 44.35 4.03
CA MET A 280 0.52 43.66 3.12
C MET A 280 -0.23 42.75 2.15
N PHE A 281 -1.27 42.07 2.65
CA PHE A 281 -2.03 41.04 1.89
C PHE A 281 -2.99 41.70 0.89
N VAL A 282 -3.69 42.76 1.28
CA VAL A 282 -4.81 43.32 0.46
C VAL A 282 -4.39 44.54 -0.36
N ASP A 283 -3.44 45.34 0.14
CA ASP A 283 -3.10 46.67 -0.41
C ASP A 283 -2.17 46.62 -1.62
N LEU A 284 -2.11 47.75 -2.33
CA LEU A 284 -1.24 48.08 -3.49
C LEU A 284 -1.00 46.84 -4.34
N ASN A 285 -2.05 46.09 -4.69
CA ASN A 285 -1.91 44.87 -5.52
C ASN A 285 -2.11 45.29 -6.96
N PRO A 286 -1.02 45.45 -7.76
CA PRO A 286 -1.15 45.94 -9.14
C PRO A 286 -2.43 45.34 -9.77
N ASP A 287 -2.83 44.18 -9.23
CA ASP A 287 -4.06 43.45 -9.62
C ASP A 287 -5.07 43.56 -8.47
N SER A 288 -5.38 44.80 -8.09
CA SER A 288 -6.33 45.22 -7.03
C SER A 288 -7.76 45.18 -7.58
N ASP A 289 -8.19 44.02 -8.06
CA ASP A 289 -9.53 43.85 -8.69
C ASP A 289 -10.59 43.61 -7.60
N LYS A 290 -10.77 42.34 -7.23
CA LYS A 290 -11.74 41.86 -6.21
C LYS A 290 -11.66 42.67 -4.92
N ILE A 291 -12.83 42.93 -4.32
CA ILE A 291 -12.93 43.35 -2.89
C ILE A 291 -12.51 42.12 -2.05
N ILE A 292 -11.75 42.32 -0.98
CA ILE A 292 -11.31 41.21 -0.09
C ILE A 292 -11.93 41.42 1.30
N TYR A 293 -12.81 40.49 1.68
CA TYR A 293 -13.55 40.48 2.98
C TYR A 293 -12.68 39.76 4.01
N SER A 294 -12.06 40.54 4.92
CA SER A 294 -11.08 40.03 5.92
C SER A 294 -11.77 39.71 7.24
N HIS A 295 -11.14 38.85 8.05
CA HIS A 295 -11.64 38.49 9.41
C HIS A 295 -10.48 38.03 10.30
N PHE A 296 -10.38 38.58 11.50
CA PHE A 296 -9.40 38.12 12.53
C PHE A 296 -10.04 36.96 13.30
N THR A 297 -9.42 35.78 13.20
CA THR A 297 -9.95 34.50 13.74
C THR A 297 -8.96 33.81 14.68
N CYS A 298 -9.51 32.99 15.59
CA CYS A 298 -8.83 31.98 16.45
C CYS A 298 -9.59 30.66 16.23
N ALA A 299 -9.13 29.88 15.25
CA ALA A 299 -9.78 28.68 14.70
C ALA A 299 -10.07 27.61 15.77
N THR A 300 -9.39 27.63 16.93
CA THR A 300 -9.65 26.64 18.01
C THR A 300 -10.71 27.17 18.97
N ASP A 301 -11.29 28.34 18.65
CA ASP A 301 -12.31 29.01 19.50
C ASP A 301 -13.66 28.97 18.78
N THR A 302 -14.45 27.93 19.07
CA THR A 302 -15.74 27.62 18.41
C THR A 302 -16.64 28.85 18.31
N GLU A 303 -16.81 29.61 19.39
CA GLU A 303 -17.71 30.80 19.42
C GLU A 303 -17.19 31.87 18.46
N ASN A 304 -15.88 31.96 18.26
CA ASN A 304 -15.28 32.94 17.32
C ASN A 304 -15.68 32.56 15.89
N ILE A 305 -15.39 31.32 15.50
CA ILE A 305 -15.69 30.80 14.12
C ILE A 305 -17.20 30.87 13.87
N ARG A 306 -18.02 30.54 14.87
CA ARG A 306 -19.49 30.60 14.73
C ARG A 306 -19.90 31.99 14.21
N PHE A 307 -19.41 33.02 14.89
CA PHE A 307 -19.70 34.44 14.58
C PHE A 307 -19.11 34.81 13.21
N VAL A 308 -17.83 34.52 13.00
CA VAL A 308 -17.14 34.90 11.74
C VAL A 308 -17.82 34.24 10.53
N PHE A 309 -18.09 32.93 10.59
CA PHE A 309 -18.62 32.20 9.42
C PHE A 309 -20.06 32.64 9.12
N ALA A 310 -20.84 32.96 10.15
CA ALA A 310 -22.21 33.47 9.96
C ALA A 310 -22.15 34.67 9.01
N ALA A 311 -21.09 35.48 9.13
CA ALA A 311 -20.88 36.70 8.32
C ALA A 311 -20.43 36.32 6.90
N VAL A 312 -19.49 35.38 6.81
CA VAL A 312 -18.94 34.86 5.53
C VAL A 312 -20.05 34.14 4.75
N LYS A 313 -21.05 33.60 5.46
CA LYS A 313 -22.20 32.89 4.84
C LYS A 313 -23.04 33.92 4.07
N ASP A 314 -23.41 34.98 4.79
CA ASP A 314 -24.17 36.14 4.26
C ASP A 314 -23.42 36.72 3.05
N THR A 315 -22.14 37.03 3.21
CA THR A 315 -21.32 37.65 2.14
C THR A 315 -21.38 36.78 0.88
N ILE A 316 -21.09 35.48 1.02
CA ILE A 316 -21.03 34.55 -0.14
C ILE A 316 -22.39 34.52 -0.86
N LEU A 317 -23.47 34.30 -0.12
CA LEU A 317 -24.85 34.26 -0.67
C LEU A 317 -25.11 35.53 -1.49
N GLN A 318 -25.15 36.69 -0.83
CA GLN A 318 -25.39 38.02 -1.46
C GLN A 318 -24.64 38.09 -2.80
N LEU A 319 -23.32 38.02 -2.76
CA LEU A 319 -22.42 38.09 -3.95
C LEU A 319 -22.61 36.85 -4.82
N ASN A 320 -23.87 36.46 -5.08
CA ASN A 320 -24.17 35.26 -5.90
C ASN A 320 -25.57 35.41 -6.50
N LEU A 321 -26.57 35.67 -5.65
CA LEU A 321 -27.97 35.97 -6.06
C LEU A 321 -28.30 37.42 -5.66
N GLN B 11 3.12 -4.78 13.37
CA GLN B 11 3.40 -4.48 11.93
C GLN B 11 4.22 -5.64 11.35
N LEU B 12 4.72 -5.51 10.12
CA LEU B 12 5.50 -6.58 9.43
C LEU B 12 6.84 -6.80 10.13
N GLU B 13 7.37 -8.01 9.95
CA GLU B 13 8.58 -8.51 10.67
C GLU B 13 9.48 -9.24 9.67
N PRO B 14 10.82 -9.14 9.82
CA PRO B 14 11.72 -9.98 9.02
C PRO B 14 11.56 -11.44 9.45
N PRO B 15 11.76 -12.43 8.56
CA PRO B 15 11.50 -13.83 8.91
C PRO B 15 12.56 -14.45 9.82
N THR B 16 12.32 -14.43 11.13
CA THR B 16 13.18 -15.05 12.18
C THR B 16 13.05 -16.57 12.06
N VAL B 17 14.18 -17.28 12.09
CA VAL B 17 14.19 -18.77 12.03
C VAL B 17 14.55 -19.30 13.42
N VAL B 18 13.56 -19.89 14.11
CA VAL B 18 13.66 -20.45 15.49
C VAL B 18 14.87 -21.39 15.56
N GLU B 19 15.47 -21.53 16.75
CA GLU B 19 16.70 -22.34 17.01
C GLU B 19 16.45 -23.80 16.61
N THR B 20 15.21 -24.28 16.74
CA THR B 20 14.87 -25.70 16.42
C THR B 20 15.09 -25.96 14.93
N LEU B 21 14.50 -25.15 14.04
CA LEU B 21 14.67 -25.28 12.57
C LEU B 21 16.13 -25.03 12.18
N ARG B 22 16.88 -24.26 12.98
CA ARG B 22 18.32 -24.01 12.70
C ARG B 22 19.11 -25.28 12.98
N ARG B 23 19.03 -25.80 14.21
CA ARG B 23 19.75 -27.02 14.64
C ARG B 23 19.31 -28.21 13.78
N GLY B 24 17.99 -28.41 13.68
CA GLY B 24 17.38 -29.51 12.91
C GLY B 24 16.73 -30.54 13.81
N SER B 25 15.76 -31.29 13.25
CA SER B 25 15.02 -32.37 13.96
C SER B 25 14.93 -33.59 13.04
N LYS B 26 15.02 -34.80 13.61
CA LYS B 26 14.98 -36.04 12.82
C LYS B 26 13.55 -36.24 12.27
N PHE B 27 13.46 -36.84 11.08
CA PHE B 27 12.20 -37.09 10.34
C PHE B 27 12.38 -38.28 9.40
N ILE B 28 11.25 -38.90 9.04
CA ILE B 28 11.18 -40.00 8.02
C ILE B 28 10.50 -39.44 6.77
N LYS B 29 11.26 -39.35 5.66
CA LYS B 29 10.76 -38.91 4.34
C LYS B 29 10.18 -40.13 3.62
N TRP B 30 8.99 -39.98 3.02
CA TRP B 30 8.27 -41.12 2.37
C TRP B 30 7.21 -40.62 1.39
N ASP B 31 6.88 -41.49 0.43
CA ASP B 31 5.76 -41.34 -0.54
C ASP B 31 4.95 -42.64 -0.47
N GLU B 32 4.22 -43.02 -1.52
CA GLU B 32 3.36 -44.23 -1.50
C GLU B 32 4.13 -45.47 -1.99
N GLU B 33 5.35 -45.27 -2.49
CA GLU B 33 6.18 -46.35 -3.08
C GLU B 33 7.33 -46.77 -2.16
N THR B 34 7.83 -45.85 -1.33
CA THR B 34 9.00 -46.08 -0.43
C THR B 34 8.80 -47.39 0.34
N SER B 35 9.87 -48.20 0.39
CA SER B 35 9.91 -49.54 1.03
C SER B 35 10.54 -49.46 2.43
N SER B 36 11.79 -48.99 2.51
CA SER B 36 12.58 -48.89 3.77
C SER B 36 12.41 -47.51 4.41
N ARG B 37 12.61 -47.45 5.73
CA ARG B 37 12.54 -46.23 6.57
C ARG B 37 13.72 -45.30 6.25
N ASN B 38 13.45 -44.18 5.59
CA ASN B 38 14.51 -43.21 5.19
C ASN B 38 14.52 -42.03 6.16
N LEU B 39 15.41 -42.09 7.17
CA LEU B 39 15.61 -41.08 8.23
C LEU B 39 16.47 -39.92 7.70
N VAL B 40 16.04 -38.69 7.96
CA VAL B 40 16.72 -37.44 7.49
C VAL B 40 16.65 -36.36 8.57
N THR B 41 17.61 -35.43 8.57
CA THR B 41 17.66 -34.26 9.47
C THR B 41 17.22 -33.01 8.69
N LEU B 42 16.01 -32.54 8.98
CA LEU B 42 15.44 -31.32 8.33
C LEU B 42 15.95 -30.09 9.06
N ARG B 43 16.20 -29.02 8.31
CA ARG B 43 16.55 -27.71 8.90
C ARG B 43 16.44 -26.62 7.83
N VAL B 44 16.35 -25.39 8.35
CA VAL B 44 16.16 -24.15 7.54
C VAL B 44 17.38 -23.27 7.80
N ASP B 45 18.05 -22.84 6.73
CA ASP B 45 19.20 -21.89 6.82
C ASP B 45 18.73 -20.71 7.66
N PRO B 46 19.68 -19.95 8.27
CA PRO B 46 19.30 -18.84 9.15
C PRO B 46 18.45 -17.75 8.49
N ASN B 47 18.49 -17.65 7.17
CA ASN B 47 17.77 -16.60 6.40
C ASN B 47 16.34 -17.03 6.04
N GLY B 48 16.01 -18.32 6.19
CA GLY B 48 14.66 -18.82 5.89
C GLY B 48 14.40 -18.89 4.40
N PHE B 49 15.45 -19.12 3.61
CA PHE B 49 15.37 -19.30 2.13
C PHE B 49 15.00 -20.74 1.79
N PHE B 50 15.71 -21.74 2.34
CA PHE B 50 15.54 -23.16 1.93
C PHE B 50 15.37 -24.11 3.10
N LEU B 51 14.44 -25.06 2.93
CA LEU B 51 14.25 -26.27 3.77
C LEU B 51 15.17 -27.34 3.16
N TYR B 52 16.16 -27.79 3.92
CA TYR B 52 17.14 -28.76 3.38
C TYR B 52 17.30 -29.95 4.32
N TRP B 53 17.41 -31.13 3.69
CA TRP B 53 17.61 -32.43 4.37
C TRP B 53 18.66 -33.21 3.57
N THR B 54 19.52 -33.90 4.31
CA THR B 54 20.61 -34.76 3.77
C THR B 54 20.19 -36.22 4.01
N GLY B 55 19.99 -36.98 2.93
CA GLY B 55 19.46 -38.35 2.95
C GLY B 55 20.51 -39.43 3.18
N PRO B 56 20.32 -40.61 2.55
CA PRO B 56 21.22 -41.74 2.70
C PRO B 56 22.55 -41.58 1.93
N ASN B 57 22.44 -41.10 0.69
CA ASN B 57 23.57 -40.86 -0.25
C ASN B 57 24.52 -39.80 0.34
N MET B 58 23.98 -38.91 1.19
CA MET B 58 24.70 -37.77 1.81
C MET B 58 24.65 -36.58 0.85
N GLU B 59 24.04 -36.80 -0.32
CA GLU B 59 23.74 -35.74 -1.32
C GLU B 59 22.43 -35.08 -0.87
N VAL B 60 22.41 -33.75 -0.92
CA VAL B 60 21.37 -32.88 -0.30
C VAL B 60 20.22 -32.62 -1.29
N ASP B 61 19.06 -32.31 -0.73
CA ASP B 61 17.82 -31.96 -1.47
C ASP B 61 17.26 -30.67 -0.84
N THR B 62 16.91 -29.70 -1.68
CA THR B 62 16.48 -28.36 -1.21
C THR B 62 15.07 -28.04 -1.73
N LEU B 63 14.27 -27.48 -0.84
CA LEU B 63 12.93 -26.93 -1.18
C LEU B 63 12.95 -25.42 -0.92
N ASP B 64 12.78 -24.63 -1.99
CA ASP B 64 12.68 -23.15 -1.92
C ASP B 64 11.44 -22.81 -1.08
N ILE B 65 11.65 -22.18 0.09
CA ILE B 65 10.56 -21.87 1.07
C ILE B 65 9.56 -20.86 0.51
N SER B 66 9.89 -20.15 -0.58
CA SER B 66 9.01 -19.14 -1.21
C SER B 66 8.08 -19.81 -2.24
N SER B 67 8.32 -21.09 -2.55
CA SER B 67 7.53 -21.87 -3.52
C SER B 67 6.47 -22.71 -2.77
N ILE B 68 6.59 -22.76 -1.44
CA ILE B 68 5.66 -23.48 -0.51
C ILE B 68 4.28 -22.81 -0.58
N ARG B 69 3.22 -23.63 -0.69
CA ARG B 69 1.83 -23.13 -0.81
C ARG B 69 1.05 -23.43 0.47
N ASP B 70 1.38 -24.54 1.15
CA ASP B 70 0.72 -24.90 2.43
C ASP B 70 1.56 -25.93 3.20
N THR B 71 1.39 -25.94 4.52
CA THR B 71 1.95 -26.96 5.45
C THR B 71 0.79 -27.52 6.28
N ARG B 72 0.67 -28.85 6.35
CA ARG B 72 -0.40 -29.56 7.08
C ARG B 72 0.21 -30.48 8.14
N THR B 73 -0.58 -30.80 9.16
CA THR B 73 -0.18 -31.65 10.32
C THR B 73 -1.44 -32.27 10.93
N GLY B 74 -1.30 -33.10 11.97
CA GLY B 74 -2.43 -33.78 12.63
C GLY B 74 -3.31 -34.52 11.63
N ARG B 75 -4.57 -34.09 11.52
CA ARG B 75 -5.61 -34.72 10.67
C ARG B 75 -5.61 -34.16 9.24
N TYR B 76 -5.10 -32.94 9.03
CA TYR B 76 -5.10 -32.28 7.69
C TYR B 76 -3.87 -32.73 6.89
N ALA B 77 -3.06 -33.62 7.48
CA ALA B 77 -1.80 -34.11 6.86
C ALA B 77 -2.10 -35.40 6.08
N ARG B 78 -1.32 -35.69 5.03
CA ARG B 78 -1.49 -36.88 4.16
C ARG B 78 -1.02 -38.15 4.90
N LEU B 79 -1.73 -39.27 4.71
CA LEU B 79 -1.38 -40.60 5.29
C LEU B 79 -1.24 -41.61 4.15
N PRO B 80 -0.78 -42.85 4.41
CA PRO B 80 -0.61 -43.79 3.30
C PRO B 80 -1.44 -45.10 3.35
N LYS B 81 -0.96 -46.10 4.11
CA LYS B 81 -1.58 -47.44 4.31
C LYS B 81 -0.49 -48.52 4.22
N ASP B 82 -0.17 -49.01 3.01
CA ASP B 82 0.76 -50.14 2.73
C ASP B 82 1.90 -50.21 3.74
N PRO B 83 2.92 -49.31 3.63
CA PRO B 83 4.06 -49.33 4.54
C PRO B 83 3.65 -49.55 6.01
N LYS B 84 2.65 -48.79 6.46
CA LYS B 84 2.07 -48.85 7.84
C LYS B 84 3.15 -48.53 8.88
N ILE B 85 2.89 -47.46 9.65
CA ILE B 85 3.76 -46.98 10.77
C ILE B 85 5.23 -47.11 10.34
N ASP B 95 -1.12 -50.53 18.64
CA ASP B 95 -1.29 -49.57 17.53
C ASP B 95 -2.47 -48.64 17.83
N ALA B 96 -2.39 -47.40 17.33
CA ALA B 96 -3.40 -46.34 17.50
C ALA B 96 -3.25 -45.32 16.36
N ARG B 97 -4.08 -44.26 16.36
CA ARG B 97 -4.14 -43.28 15.25
C ARG B 97 -3.70 -41.87 15.68
N LEU B 98 -3.86 -41.51 16.97
CA LEU B 98 -3.51 -40.15 17.47
C LEU B 98 -1.99 -39.94 17.34
N GLU B 99 -1.49 -40.00 16.10
CA GLU B 99 -0.09 -39.68 15.74
C GLU B 99 -0.12 -38.36 14.96
N GLU B 100 -0.12 -37.28 15.74
CA GLU B 100 -0.11 -35.87 15.30
C GLU B 100 1.34 -35.46 15.04
N LYS B 101 2.13 -36.37 14.48
CA LYS B 101 3.56 -36.08 14.16
C LYS B 101 3.78 -36.22 12.64
N LEU B 102 2.66 -36.30 11.91
CA LEU B 102 2.65 -36.31 10.42
C LEU B 102 2.69 -34.85 9.94
N MET B 103 3.65 -34.54 9.05
CA MET B 103 3.75 -33.20 8.43
C MET B 103 3.92 -33.36 6.92
N THR B 104 3.06 -32.65 6.18
CA THR B 104 3.02 -32.63 4.69
C THR B 104 3.36 -31.20 4.24
N VAL B 105 4.25 -31.07 3.26
CA VAL B 105 4.62 -29.73 2.71
C VAL B 105 4.11 -29.65 1.26
N VAL B 106 3.25 -28.68 0.99
CA VAL B 106 2.65 -28.49 -0.36
C VAL B 106 3.25 -27.25 -1.03
N SER B 107 3.95 -27.48 -2.14
CA SER B 107 4.63 -26.43 -2.94
C SER B 107 4.30 -26.65 -4.41
N GLY B 108 4.60 -25.66 -5.26
CA GLY B 108 4.38 -25.69 -6.71
C GLY B 108 4.29 -24.28 -7.29
N PRO B 109 4.42 -24.15 -8.62
CA PRO B 109 4.46 -22.83 -9.27
C PRO B 109 3.07 -22.30 -9.67
N ASP B 110 2.00 -22.96 -9.22
CA ASP B 110 0.59 -22.52 -9.43
C ASP B 110 -0.35 -23.51 -8.75
N PRO B 111 -1.63 -23.14 -8.51
CA PRO B 111 -2.56 -23.99 -7.77
C PRO B 111 -2.73 -25.43 -8.30
N VAL B 112 -2.60 -25.63 -9.61
CA VAL B 112 -2.83 -26.95 -10.27
C VAL B 112 -1.64 -27.89 -10.04
N ASN B 113 -0.43 -27.39 -10.29
CA ASN B 113 0.82 -28.20 -10.26
C ASN B 113 1.43 -28.17 -8.86
N THR B 114 0.68 -28.70 -7.89
CA THR B 114 1.10 -28.84 -6.46
C THR B 114 1.89 -30.15 -6.31
N VAL B 115 2.97 -30.10 -5.52
CA VAL B 115 3.83 -31.29 -5.19
C VAL B 115 3.82 -31.48 -3.68
N PHE B 116 3.68 -32.72 -3.22
CA PHE B 116 3.55 -33.10 -1.79
C PHE B 116 4.83 -33.79 -1.30
N LEU B 117 5.37 -33.30 -0.17
CA LEU B 117 6.51 -33.93 0.54
C LEU B 117 6.04 -34.26 1.96
N ASN B 118 6.23 -35.53 2.37
CA ASN B 118 5.81 -36.03 3.70
C ASN B 118 7.06 -36.25 4.56
N PHE B 119 7.01 -35.78 5.80
CA PHE B 119 8.08 -35.90 6.81
C PHE B 119 7.43 -36.19 8.17
N MET B 120 7.25 -37.47 8.48
CA MET B 120 6.80 -37.98 9.81
C MET B 120 7.96 -37.81 10.79
N ALA B 121 7.74 -37.03 11.86
CA ALA B 121 8.72 -36.71 12.92
C ALA B 121 9.05 -37.98 13.73
N VAL B 122 10.22 -38.01 14.36
CA VAL B 122 10.67 -39.11 15.26
C VAL B 122 10.24 -38.75 16.69
N GLN B 123 10.62 -37.57 17.18
CA GLN B 123 10.08 -36.99 18.45
C GLN B 123 8.69 -36.45 18.10
N ASP B 124 7.81 -36.27 19.09
CA ASP B 124 6.37 -35.97 18.84
C ASP B 124 6.13 -34.46 18.78
N ASP B 125 6.26 -33.73 19.90
CA ASP B 125 5.95 -32.28 19.96
C ASP B 125 6.90 -31.48 19.06
N THR B 126 7.01 -31.84 17.78
CA THR B 126 7.91 -31.11 16.85
C THR B 126 7.18 -30.79 15.54
N ALA B 127 6.58 -31.80 14.88
CA ALA B 127 5.89 -31.66 13.58
C ALA B 127 4.99 -30.42 13.58
N LYS B 128 4.22 -30.23 14.65
CA LYS B 128 3.35 -29.04 14.83
C LYS B 128 4.23 -27.78 14.70
N VAL B 129 5.21 -27.60 15.59
CA VAL B 129 6.13 -26.41 15.59
C VAL B 129 6.65 -26.17 14.17
N TRP B 130 7.18 -27.21 13.52
CA TRP B 130 7.74 -27.09 12.15
C TRP B 130 6.67 -26.56 11.18
N SER B 131 5.59 -27.34 11.04
CA SER B 131 4.43 -27.04 10.16
C SER B 131 4.03 -25.56 10.28
N GLU B 132 3.99 -25.02 11.51
CA GLU B 132 3.59 -23.63 11.77
C GLU B 132 4.71 -22.66 11.40
N GLU B 133 5.96 -22.97 11.79
CA GLU B 133 7.12 -22.08 11.54
C GLU B 133 7.37 -21.96 10.03
N LEU B 134 7.45 -23.09 9.33
CA LEU B 134 7.63 -23.15 7.85
C LEU B 134 6.57 -22.26 7.19
N PHE B 135 5.32 -22.34 7.68
CA PHE B 135 4.16 -21.60 7.15
C PHE B 135 4.42 -20.09 7.27
N LYS B 136 4.81 -19.59 8.45
CA LYS B 136 5.11 -18.15 8.64
C LYS B 136 6.21 -17.70 7.68
N LEU B 137 7.30 -18.45 7.56
CA LEU B 137 8.45 -18.13 6.67
C LEU B 137 7.95 -18.07 5.22
N ALA B 138 7.09 -19.01 4.85
CA ALA B 138 6.60 -19.19 3.46
C ALA B 138 5.66 -18.05 3.07
N MET B 139 4.90 -17.49 4.02
CA MET B 139 3.87 -16.43 3.74
C MET B 139 4.34 -15.08 4.29
N ASN B 140 5.64 -14.93 4.55
CA ASN B 140 6.20 -13.67 5.11
C ASN B 140 6.32 -12.65 3.97
N ILE B 141 5.92 -11.40 4.23
CA ILE B 141 5.78 -10.36 3.16
C ILE B 141 7.15 -9.78 2.80
N LEU B 142 8.01 -9.50 3.79
CA LEU B 142 9.37 -8.97 3.56
C LEU B 142 10.20 -9.96 2.75
N ALA B 143 10.00 -11.27 2.97
CA ALA B 143 10.72 -12.35 2.24
C ALA B 143 10.35 -12.29 0.76
N GLN B 144 9.07 -12.11 0.43
CA GLN B 144 8.58 -12.04 -0.99
C GLN B 144 8.96 -10.70 -1.64
N ASN B 145 9.08 -9.65 -0.84
CA ASN B 145 9.41 -8.26 -1.28
C ASN B 145 10.76 -7.84 -0.68
N ALA B 146 11.76 -8.71 -0.84
CA ALA B 146 13.13 -8.49 -0.30
C ALA B 146 13.93 -7.67 -1.31
N SER B 147 15.09 -7.17 -0.88
CA SER B 147 16.04 -6.39 -1.69
C SER B 147 16.69 -7.27 -2.75
N ARG B 148 17.23 -6.66 -3.81
CA ARG B 148 17.97 -7.35 -4.90
C ARG B 148 19.17 -8.07 -4.27
N ASN B 149 19.84 -7.39 -3.34
CA ASN B 149 20.96 -7.94 -2.54
C ASN B 149 20.54 -9.27 -1.88
N THR B 150 19.34 -9.33 -1.29
CA THR B 150 18.89 -10.54 -0.56
C THR B 150 18.66 -11.69 -1.54
N PHE B 151 18.05 -11.41 -2.70
CA PHE B 151 17.81 -12.50 -3.67
C PHE B 151 19.16 -13.04 -4.17
N LEU B 152 20.17 -12.18 -4.23
CA LEU B 152 21.55 -12.62 -4.62
C LEU B 152 22.12 -13.47 -3.49
N ARG B 153 22.02 -12.99 -2.23
CA ARG B 153 22.49 -13.70 -1.02
C ARG B 153 21.75 -15.04 -0.92
N LYS B 154 20.56 -15.12 -1.52
CA LYS B 154 19.77 -16.37 -1.57
C LYS B 154 20.41 -17.33 -2.57
N ALA B 155 20.69 -16.85 -3.78
CA ALA B 155 21.39 -17.67 -4.79
C ALA B 155 22.63 -18.31 -4.14
N TYR B 156 23.39 -17.50 -3.40
CA TYR B 156 24.66 -17.91 -2.74
C TYR B 156 24.38 -19.05 -1.76
N THR B 157 23.30 -18.91 -0.98
CA THR B 157 22.91 -19.89 0.06
C THR B 157 22.64 -21.26 -0.58
N LYS B 158 22.10 -21.26 -1.80
CA LYS B 158 21.73 -22.50 -2.52
C LYS B 158 23.02 -23.23 -2.91
N LEU B 159 24.01 -22.45 -3.39
CA LEU B 159 25.32 -23.00 -3.80
C LEU B 159 26.04 -23.63 -2.60
N LYS B 160 25.82 -23.07 -1.40
CA LYS B 160 26.45 -23.54 -0.14
C LYS B 160 25.71 -24.75 0.46
N LEU B 161 24.40 -24.89 0.23
CA LEU B 161 23.64 -26.04 0.78
C LEU B 161 23.77 -27.26 -0.16
N GLN B 162 23.50 -27.06 -1.46
CA GLN B 162 23.56 -28.14 -2.49
C GLN B 162 25.02 -28.58 -2.69
N VAL B 163 25.64 -29.04 -1.60
CA VAL B 163 27.03 -29.59 -1.60
C VAL B 163 26.98 -31.04 -2.11
N ASN B 164 28.14 -31.62 -2.43
CA ASN B 164 28.22 -33.04 -2.87
C ASN B 164 28.32 -33.93 -1.63
N GLN B 165 28.55 -35.22 -1.83
CA GLN B 165 28.60 -36.23 -0.73
C GLN B 165 29.81 -35.94 0.18
N ASP B 166 30.71 -35.05 -0.23
CA ASP B 166 31.95 -34.77 0.56
C ASP B 166 31.94 -33.31 1.05
N GLY B 167 30.74 -32.75 1.22
CA GLY B 167 30.51 -31.41 1.80
C GLY B 167 31.24 -30.32 1.04
N ARG B 168 31.46 -30.53 -0.26
CA ARG B 168 32.13 -29.54 -1.16
C ARG B 168 31.09 -28.96 -2.13
N ILE B 169 31.39 -27.79 -2.71
CA ILE B 169 30.54 -27.05 -3.67
C ILE B 169 31.01 -27.39 -5.08
N PRO B 170 30.25 -28.21 -5.84
CA PRO B 170 30.69 -28.63 -7.16
C PRO B 170 30.76 -27.44 -8.12
N VAL B 171 31.90 -27.25 -8.79
CA VAL B 171 32.08 -26.13 -9.76
C VAL B 171 30.99 -26.19 -10.83
N LYS B 172 30.55 -27.40 -11.19
CA LYS B 172 29.57 -27.61 -12.29
C LYS B 172 28.22 -27.03 -11.85
N ASN B 173 28.05 -26.80 -10.55
CA ASN B 173 26.82 -26.18 -10.00
C ASN B 173 26.88 -24.68 -10.22
N ILE B 174 28.08 -24.09 -10.32
CA ILE B 174 28.21 -22.63 -10.56
C ILE B 174 28.07 -22.36 -12.06
N LEU B 175 28.51 -23.32 -12.89
CA LEU B 175 28.38 -23.24 -14.38
C LEU B 175 26.91 -23.42 -14.78
N LYS B 176 26.14 -24.20 -14.02
CA LYS B 176 24.71 -24.49 -14.32
C LYS B 176 23.84 -23.32 -13.85
N MET B 177 24.12 -22.78 -12.66
CA MET B 177 23.37 -21.65 -12.07
C MET B 177 23.48 -20.42 -12.99
N PHE B 178 24.62 -20.26 -13.67
CA PHE B 178 24.89 -19.16 -14.62
C PHE B 178 25.26 -19.75 -15.98
N SER B 179 24.44 -20.67 -16.48
CA SER B 179 24.60 -21.31 -17.82
C SER B 179 24.29 -20.29 -18.91
N ALA B 180 24.12 -19.02 -18.54
CA ALA B 180 23.90 -17.88 -19.45
C ALA B 180 25.19 -17.61 -20.25
N ASP B 181 26.34 -17.97 -19.66
CA ASP B 181 27.69 -17.83 -20.27
C ASP B 181 28.66 -18.68 -19.44
N LYS B 182 28.95 -19.90 -19.91
CA LYS B 182 29.84 -20.82 -19.15
C LYS B 182 31.31 -20.42 -19.34
N LYS B 183 31.65 -19.87 -20.50
CA LYS B 183 33.05 -19.49 -20.87
C LYS B 183 33.54 -18.35 -19.96
N ARG B 184 32.70 -17.33 -19.73
CA ARG B 184 33.09 -16.15 -18.92
C ARG B 184 33.17 -16.54 -17.44
N VAL B 185 32.23 -17.38 -16.99
CA VAL B 185 32.18 -17.91 -15.60
C VAL B 185 33.57 -18.44 -15.21
N GLU B 186 34.21 -19.19 -16.11
CA GLU B 186 35.55 -19.79 -15.90
C GLU B 186 36.55 -18.67 -15.58
N THR B 187 36.43 -17.53 -16.26
CA THR B 187 37.36 -16.38 -16.15
C THR B 187 37.13 -15.67 -14.81
N ALA B 188 35.87 -15.53 -14.42
CA ALA B 188 35.45 -14.86 -13.17
C ALA B 188 36.01 -15.64 -11.97
N LEU B 189 35.71 -16.95 -11.89
CA LEU B 189 36.22 -17.84 -10.81
C LEU B 189 37.74 -17.76 -10.74
N GLU B 190 38.41 -17.85 -11.90
CA GLU B 190 39.90 -17.88 -11.99
C GLU B 190 40.46 -16.57 -11.43
N SER B 191 39.72 -15.48 -11.60
CA SER B 191 40.10 -14.11 -11.18
C SER B 191 40.04 -13.99 -9.65
N CYS B 192 39.30 -14.88 -8.98
CA CYS B 192 39.16 -14.88 -7.49
C CYS B 192 40.01 -15.98 -6.87
N GLY B 193 40.74 -16.73 -7.70
CA GLY B 193 41.57 -17.86 -7.24
C GLY B 193 40.69 -19.00 -6.74
N LEU B 194 39.60 -19.26 -7.48
CA LEU B 194 38.69 -20.41 -7.24
C LEU B 194 38.83 -21.39 -8.41
N LYS B 195 38.56 -22.67 -8.15
CA LYS B 195 38.51 -23.73 -9.19
C LYS B 195 37.49 -23.29 -10.26
N PHE B 196 37.78 -23.59 -11.53
CA PHE B 196 36.91 -23.25 -12.68
C PHE B 196 36.67 -24.47 -13.56
N ASN B 197 37.36 -25.58 -13.26
CA ASN B 197 37.24 -26.85 -14.02
C ASN B 197 35.99 -27.59 -13.56
N ARG B 198 35.28 -28.22 -14.51
CA ARG B 198 33.95 -28.88 -14.36
C ARG B 198 34.04 -30.14 -13.48
N SER B 199 35.25 -30.64 -13.23
CA SER B 199 35.52 -31.87 -12.44
C SER B 199 35.88 -31.53 -10.98
N GLU B 200 36.34 -30.30 -10.72
CA GLU B 200 36.83 -29.88 -9.39
C GLU B 200 35.67 -29.38 -8.53
N SER B 201 35.92 -29.25 -7.23
CA SER B 201 34.98 -28.75 -6.19
C SER B 201 35.68 -27.64 -5.40
N ILE B 202 34.89 -26.90 -4.60
CA ILE B 202 35.35 -25.76 -3.76
C ILE B 202 34.86 -26.01 -2.32
N ARG B 203 35.74 -25.78 -1.33
CA ARG B 203 35.40 -26.02 0.10
C ARG B 203 34.59 -24.85 0.63
N PRO B 204 33.46 -25.12 1.33
CA PRO B 204 32.61 -24.07 1.87
C PRO B 204 33.41 -22.94 2.53
N ASP B 205 34.52 -23.31 3.19
CA ASP B 205 35.38 -22.39 3.96
C ASP B 205 35.92 -21.27 3.06
N GLU B 206 36.27 -21.56 1.81
CA GLU B 206 36.90 -20.56 0.90
C GLU B 206 35.87 -19.96 -0.08
N PHE B 207 34.58 -20.23 0.12
CA PHE B 207 33.50 -19.68 -0.73
C PHE B 207 32.55 -18.86 0.14
N SER B 208 33.03 -17.69 0.58
CA SER B 208 32.30 -16.72 1.42
C SER B 208 31.40 -15.82 0.56
N LEU B 209 30.49 -15.10 1.21
CA LEU B 209 29.59 -14.10 0.56
C LEU B 209 30.49 -13.01 -0.06
N GLU B 210 31.59 -12.69 0.62
CA GLU B 210 32.57 -11.69 0.11
C GLU B 210 33.01 -12.12 -1.30
N ILE B 211 33.45 -13.38 -1.40
CA ILE B 211 34.07 -13.96 -2.62
C ILE B 211 33.00 -14.28 -3.66
N PHE B 212 31.73 -14.26 -3.28
CA PHE B 212 30.61 -14.49 -4.23
C PHE B 212 30.27 -13.14 -4.88
N GLU B 213 30.24 -12.09 -4.06
CA GLU B 213 30.02 -10.68 -4.50
C GLU B 213 31.19 -10.27 -5.41
N ARG B 214 32.42 -10.63 -5.05
CA ARG B 214 33.58 -10.36 -5.94
C ARG B 214 33.39 -11.11 -7.24
N PHE B 215 32.98 -12.38 -7.16
CA PHE B 215 32.73 -13.27 -8.32
C PHE B 215 31.69 -12.62 -9.26
N LEU B 216 30.58 -12.14 -8.71
CA LEU B 216 29.48 -11.50 -9.49
C LEU B 216 29.99 -10.24 -10.20
N ASN B 217 30.78 -9.42 -9.50
CA ASN B 217 31.27 -8.10 -9.97
C ASN B 217 32.22 -8.26 -11.15
N LYS B 218 32.97 -9.37 -11.23
CA LYS B 218 33.98 -9.56 -12.31
C LYS B 218 33.31 -10.28 -13.49
N LEU B 219 32.26 -11.03 -13.22
CA LEU B 219 31.47 -11.74 -14.28
C LEU B 219 30.49 -10.77 -14.95
N CYS B 220 29.85 -9.91 -14.16
CA CYS B 220 28.73 -9.04 -14.57
C CYS B 220 29.18 -7.57 -14.61
N LEU B 221 29.87 -7.16 -15.69
CA LEU B 221 30.25 -5.74 -15.92
C LEU B 221 28.96 -4.90 -15.91
N ARG B 222 29.00 -3.69 -15.35
CA ARG B 222 27.78 -2.85 -15.17
C ARG B 222 27.99 -1.45 -15.74
N PRO B 223 28.13 -1.32 -17.08
CA PRO B 223 28.27 -0.01 -17.71
C PRO B 223 27.04 0.88 -17.44
N ASP B 224 25.90 0.25 -17.12
CA ASP B 224 24.62 0.94 -16.80
C ASP B 224 24.77 1.72 -15.49
N ILE B 225 25.47 1.15 -14.50
CA ILE B 225 25.68 1.82 -13.18
C ILE B 225 26.72 2.92 -13.33
N ASP B 226 27.70 2.72 -14.22
CA ASP B 226 28.75 3.73 -14.52
C ASP B 226 28.04 5.00 -14.99
N LYS B 227 27.08 4.80 -15.90
CA LYS B 227 26.31 5.88 -16.57
C LYS B 227 25.45 6.63 -15.55
N ILE B 228 25.15 6.02 -14.40
CA ILE B 228 24.29 6.64 -13.34
C ILE B 228 25.17 7.48 -12.40
N LEU B 229 26.41 7.04 -12.19
CA LEU B 229 27.38 7.75 -11.31
C LEU B 229 27.82 9.02 -12.04
N LEU B 230 27.86 8.96 -13.37
CA LEU B 230 28.23 10.12 -14.24
C LEU B 230 27.03 11.08 -14.30
N GLU B 231 25.81 10.53 -14.35
CA GLU B 231 24.53 11.30 -14.39
C GLU B 231 24.65 12.47 -13.42
N ILE B 232 24.75 12.18 -12.12
CA ILE B 232 25.00 13.19 -11.04
C ILE B 232 25.61 12.48 -9.83
N GLY B 233 26.92 12.66 -9.67
CA GLY B 233 27.71 13.47 -10.59
C GLY B 233 29.15 12.98 -10.65
N ALA B 234 30.02 13.58 -9.83
CA ALA B 234 31.43 13.17 -9.66
C ALA B 234 32.03 12.70 -11.00
N LYS B 235 32.44 13.63 -11.87
CA LYS B 235 33.19 13.29 -13.12
C LYS B 235 34.61 12.89 -12.70
N GLY B 236 35.06 13.41 -11.56
CA GLY B 236 36.19 12.85 -10.79
C GLY B 236 35.65 11.59 -10.15
N LYS B 237 35.69 10.52 -10.95
CA LYS B 237 34.69 9.42 -10.93
C LYS B 237 34.88 8.28 -9.94
N PRO B 238 36.10 7.88 -9.50
CA PRO B 238 36.18 6.65 -8.73
C PRO B 238 35.15 6.50 -7.60
N TYR B 239 34.71 7.62 -7.01
CA TYR B 239 33.82 7.63 -5.82
C TYR B 239 32.73 8.70 -5.92
N LEU B 240 31.95 8.82 -4.84
CA LEU B 240 30.78 9.73 -4.71
C LEU B 240 30.77 10.32 -3.30
N THR B 241 30.32 11.57 -3.15
CA THR B 241 30.34 12.31 -1.86
C THR B 241 29.00 12.15 -1.13
N LEU B 242 29.04 12.23 0.20
CA LEU B 242 27.86 12.10 1.08
C LEU B 242 26.73 13.01 0.57
N GLU B 243 27.05 14.21 0.11
CA GLU B 243 26.06 15.22 -0.36
C GLU B 243 25.45 14.77 -1.70
N GLN B 244 26.29 14.43 -2.68
CA GLN B 244 25.86 13.93 -4.01
C GLN B 244 24.90 12.74 -3.83
N LEU B 245 25.07 11.96 -2.74
CA LEU B 245 24.26 10.75 -2.42
C LEU B 245 22.96 11.17 -1.72
N MET B 246 23.05 12.10 -0.76
CA MET B 246 21.87 12.62 -0.03
C MET B 246 20.97 13.39 -1.01
N ASP B 247 21.58 14.21 -1.87
CA ASP B 247 20.86 15.00 -2.90
C ASP B 247 20.18 14.04 -3.89
N PHE B 248 20.83 12.89 -4.16
CA PHE B 248 20.36 11.87 -5.11
C PHE B 248 19.12 11.15 -4.55
N ILE B 249 19.22 10.68 -3.30
CA ILE B 249 18.12 9.96 -2.59
C ILE B 249 16.93 10.91 -2.42
N ASN B 250 17.23 12.18 -2.11
CA ASN B 250 16.22 13.22 -1.80
C ASN B 250 15.59 13.81 -3.07
N GLN B 251 16.34 13.91 -4.17
CA GLN B 251 15.87 14.54 -5.44
C GLN B 251 15.48 13.47 -6.47
N LYS B 252 16.41 12.59 -6.86
CA LYS B 252 16.19 11.59 -7.95
C LYS B 252 15.36 10.38 -7.49
N GLN B 253 15.48 9.96 -6.23
CA GLN B 253 14.91 8.67 -5.75
C GLN B 253 13.64 8.89 -4.92
N ARG B 254 13.32 10.14 -4.59
CA ARG B 254 12.14 10.48 -3.74
C ARG B 254 10.89 10.60 -4.60
N ASP B 255 9.74 10.22 -4.04
CA ASP B 255 8.39 10.35 -4.66
C ASP B 255 7.92 11.79 -4.49
N PRO B 256 7.71 12.53 -5.60
CA PRO B 256 7.34 13.94 -5.53
C PRO B 256 5.91 14.16 -5.01
N ARG B 257 5.08 13.13 -5.08
CA ARG B 257 3.65 13.19 -4.66
C ARG B 257 3.56 13.21 -3.13
N LEU B 258 4.61 12.81 -2.40
CA LEU B 258 4.55 12.64 -0.93
C LEU B 258 4.82 13.96 -0.20
N ASN B 259 4.11 14.18 0.91
CA ASN B 259 4.19 15.40 1.76
C ASN B 259 5.55 15.44 2.48
N GLU B 260 6.20 16.62 2.50
CA GLU B 260 7.54 16.85 3.10
C GLU B 260 7.48 16.62 4.62
N VAL B 261 6.35 16.88 5.25
CA VAL B 261 6.17 16.68 6.73
C VAL B 261 5.98 15.18 7.01
N LEU B 262 5.03 14.54 6.32
CA LEU B 262 4.70 13.10 6.50
C LEU B 262 5.93 12.24 6.18
N TYR B 263 6.64 12.56 5.09
CA TYR B 263 7.84 11.80 4.64
C TYR B 263 9.00 12.78 4.55
N PRO B 264 9.61 13.15 5.69
CA PRO B 264 10.78 14.04 5.67
C PRO B 264 11.93 13.46 4.85
N PRO B 265 12.71 14.31 4.17
CA PRO B 265 13.89 13.85 3.43
C PRO B 265 15.04 13.44 4.37
N LEU B 266 15.97 12.61 3.87
CA LEU B 266 17.17 12.15 4.63
C LEU B 266 18.00 13.35 5.06
N ARG B 267 18.55 13.28 6.27
CA ARG B 267 19.43 14.33 6.85
C ARG B 267 20.89 13.93 6.61
N PRO B 268 21.87 14.74 7.03
CA PRO B 268 23.28 14.35 6.89
C PRO B 268 23.56 13.10 7.75
N SER B 269 23.07 13.13 8.98
CA SER B 269 23.24 12.06 10.00
C SER B 269 22.73 10.72 9.47
N GLN B 270 21.68 10.74 8.65
CA GLN B 270 21.04 9.51 8.11
C GLN B 270 21.75 9.05 6.84
N ALA B 271 22.33 9.98 6.08
CA ALA B 271 23.07 9.68 4.84
C ALA B 271 24.42 9.03 5.20
N ARG B 272 24.92 9.34 6.40
CA ARG B 272 26.19 8.77 6.94
C ARG B 272 25.97 7.28 7.24
N LEU B 273 24.86 6.96 7.92
CA LEU B 273 24.51 5.56 8.29
C LEU B 273 24.50 4.66 7.04
N LEU B 274 24.21 5.24 5.87
CA LEU B 274 24.09 4.46 4.61
C LEU B 274 25.48 4.05 4.11
N ILE B 275 26.45 4.96 4.23
CA ILE B 275 27.87 4.69 3.83
C ILE B 275 28.47 3.68 4.81
N GLU B 276 28.12 3.82 6.09
CA GLU B 276 28.62 2.95 7.19
C GLU B 276 28.02 1.55 7.08
N LYS B 277 26.95 1.42 6.28
CA LYS B 277 26.15 0.17 6.17
C LYS B 277 26.51 -0.58 4.88
N TYR B 278 26.96 0.15 3.84
CA TYR B 278 27.18 -0.43 2.48
C TYR B 278 28.62 -0.30 1.99
N GLU B 279 29.35 0.73 2.43
CA GLU B 279 30.72 0.98 1.91
C GLU B 279 31.67 -0.08 2.47
N PRO B 280 32.29 -0.89 1.59
CA PRO B 280 33.25 -1.91 2.01
C PRO B 280 34.64 -1.30 2.25
N ASN B 281 35.13 -0.52 1.30
CA ASN B 281 36.44 0.18 1.39
C ASN B 281 36.46 0.99 2.70
N GLN B 282 37.16 0.49 3.71
CA GLN B 282 37.21 1.04 5.09
C GLN B 282 37.91 2.41 5.12
N GLN B 283 38.38 2.89 3.96
CA GLN B 283 39.11 4.18 3.84
C GLN B 283 38.15 5.28 3.33
N PHE B 284 37.21 4.91 2.45
CA PHE B 284 36.16 5.83 1.94
C PHE B 284 35.19 6.14 3.09
N LEU B 285 34.77 5.11 3.81
CA LEU B 285 33.87 5.21 5.00
C LEU B 285 34.41 6.29 5.95
N GLU B 286 35.74 6.34 6.09
CA GLU B 286 36.48 7.32 6.94
C GLU B 286 36.21 8.74 6.46
N ARG B 287 36.31 8.97 5.14
CA ARG B 287 36.19 10.31 4.51
C ARG B 287 34.75 10.56 4.03
N ASP B 288 33.76 9.94 4.67
CA ASP B 288 32.31 10.06 4.34
C ASP B 288 32.13 10.10 2.82
N GLN B 289 32.64 9.10 2.11
CA GLN B 289 32.53 8.94 0.63
C GLN B 289 31.98 7.54 0.35
N MET B 290 31.41 7.34 -0.84
CA MET B 290 30.88 6.02 -1.27
C MET B 290 31.45 5.66 -2.63
N SER B 291 31.84 4.39 -2.83
CA SER B 291 32.47 3.86 -4.06
C SER B 291 31.40 3.27 -5.00
N MET B 292 31.82 2.95 -6.23
CA MET B 292 30.96 2.35 -7.28
C MET B 292 30.45 0.99 -6.79
N GLU B 293 31.22 0.33 -5.93
CA GLU B 293 30.89 -0.98 -5.31
C GLU B 293 29.88 -0.73 -4.19
N GLY B 294 30.06 0.36 -3.45
CA GLY B 294 29.21 0.75 -2.30
C GLY B 294 27.88 1.33 -2.76
N PHE B 295 27.86 1.92 -3.95
CA PHE B 295 26.64 2.49 -4.57
C PHE B 295 25.83 1.34 -5.19
N SER B 296 26.52 0.34 -5.71
CA SER B 296 25.90 -0.87 -6.34
C SER B 296 25.15 -1.65 -5.26
N ARG B 297 25.74 -1.67 -4.05
CA ARG B 297 25.15 -2.35 -2.87
C ARG B 297 23.87 -1.58 -2.46
N TYR B 298 23.91 -0.24 -2.49
CA TYR B 298 22.76 0.60 -2.07
C TYR B 298 21.60 0.44 -3.06
N LEU B 299 21.88 0.58 -4.36
CA LEU B 299 20.86 0.44 -5.44
C LEU B 299 19.99 -0.79 -5.18
N GLY B 300 20.57 -1.89 -4.68
CA GLY B 300 19.90 -3.19 -4.45
C GLY B 300 19.74 -3.51 -2.98
N GLY B 301 19.79 -2.48 -2.13
CA GLY B 301 19.59 -2.59 -0.67
C GLY B 301 18.12 -2.56 -0.30
N GLU B 302 17.83 -2.41 0.99
CA GLU B 302 16.45 -2.54 1.50
C GLU B 302 15.79 -1.16 1.68
N GLU B 303 16.50 -0.08 1.37
CA GLU B 303 15.91 1.28 1.45
C GLU B 303 15.54 1.76 0.04
N ASN B 304 16.05 1.10 -1.01
CA ASN B 304 15.86 1.50 -2.42
C ASN B 304 14.93 0.52 -3.15
N GLY B 305 13.98 -0.07 -2.43
CA GLY B 305 12.93 -0.90 -3.04
C GLY B 305 12.02 -0.05 -3.92
N ILE B 306 11.40 -0.67 -4.93
CA ILE B 306 10.47 -0.01 -5.90
C ILE B 306 9.21 0.46 -5.16
N LEU B 307 8.87 -0.19 -4.05
CA LEU B 307 7.59 0.07 -3.33
C LEU B 307 7.82 0.32 -1.84
N PRO B 308 7.06 1.26 -1.25
CA PRO B 308 7.09 1.50 0.19
C PRO B 308 6.35 0.33 0.89
N LEU B 309 6.72 0.02 2.13
CA LEU B 309 6.21 -1.14 2.89
C LEU B 309 4.70 -0.98 3.09
N GLU B 310 4.25 0.27 3.21
CA GLU B 310 2.85 0.69 3.44
C GLU B 310 1.94 0.10 2.35
N ALA B 311 2.45 -0.10 1.14
CA ALA B 311 1.67 -0.64 0.00
C ALA B 311 1.40 -2.13 0.18
N LEU B 312 2.44 -2.89 0.58
CA LEU B 312 2.43 -4.36 0.69
C LEU B 312 1.77 -4.78 2.02
N ASP B 313 1.64 -3.82 2.93
CA ASP B 313 1.15 -4.03 4.31
C ASP B 313 -0.39 -4.01 4.31
N LEU B 314 -0.98 -4.46 5.40
CA LEU B 314 -2.45 -4.45 5.66
C LEU B 314 -2.80 -3.08 6.27
N SER B 315 -2.67 -2.00 5.47
CA SER B 315 -2.84 -0.59 5.88
C SER B 315 -4.15 0.01 5.36
N THR B 316 -4.89 -0.69 4.50
CA THR B 316 -6.18 -0.21 3.94
C THR B 316 -7.24 -0.15 5.05
N ASP B 317 -8.12 0.84 5.02
CA ASP B 317 -9.27 0.94 5.97
C ASP B 317 -10.20 -0.26 5.71
N MET B 318 -10.43 -1.09 6.73
CA MET B 318 -11.22 -2.35 6.58
C MET B 318 -12.58 -2.21 7.25
N THR B 319 -13.01 -0.98 7.55
CA THR B 319 -14.29 -0.69 8.27
C THR B 319 -15.40 -0.23 7.32
N GLN B 320 -15.11 0.06 6.06
CA GLN B 320 -16.16 0.51 5.09
C GLN B 320 -17.04 -0.69 4.77
N PRO B 321 -18.28 -0.48 4.25
CA PRO B 321 -19.15 -1.60 3.91
C PRO B 321 -18.47 -2.59 2.94
N LEU B 322 -18.95 -3.83 2.93
CA LEU B 322 -18.40 -4.94 2.11
C LEU B 322 -18.45 -4.56 0.63
N SER B 323 -19.39 -3.67 0.25
CA SER B 323 -19.60 -3.20 -1.13
C SER B 323 -18.53 -2.18 -1.56
N ALA B 324 -17.73 -1.67 -0.61
CA ALA B 324 -16.72 -0.61 -0.90
C ALA B 324 -15.38 -1.24 -1.31
N TYR B 325 -15.36 -2.56 -1.53
CA TYR B 325 -14.08 -3.28 -1.75
C TYR B 325 -14.14 -4.18 -2.98
N PHE B 326 -13.03 -4.27 -3.72
CA PHE B 326 -12.82 -5.31 -4.75
C PHE B 326 -12.41 -6.58 -4.00
N ILE B 327 -12.99 -7.74 -4.35
CA ILE B 327 -12.83 -9.02 -3.60
C ILE B 327 -12.34 -10.13 -4.54
N ASN B 328 -11.16 -10.69 -4.24
CA ASN B 328 -10.50 -11.79 -4.97
C ASN B 328 -11.49 -12.96 -5.05
N SER B 329 -11.90 -13.35 -6.27
CA SER B 329 -13.00 -14.32 -6.52
C SER B 329 -12.59 -15.42 -7.51
N SER B 330 -13.25 -16.58 -7.41
CA SER B 330 -12.99 -17.76 -8.27
C SER B 330 -14.28 -18.27 -8.95
N HIS B 331 -14.11 -18.82 -10.15
CA HIS B 331 -15.17 -19.43 -10.99
C HIS B 331 -14.96 -20.95 -11.04
N ASN B 332 -16.03 -21.71 -10.79
CA ASN B 332 -15.99 -23.20 -10.75
C ASN B 332 -14.64 -23.62 -10.17
N THR B 333 -14.38 -23.18 -8.93
CA THR B 333 -13.10 -23.37 -8.20
C THR B 333 -12.65 -24.83 -8.32
N TYR B 334 -13.62 -25.76 -8.28
CA TYR B 334 -13.37 -27.22 -8.24
C TYR B 334 -12.66 -27.71 -9.52
N LEU B 335 -12.64 -26.92 -10.60
CA LEU B 335 -12.00 -27.36 -11.87
C LEU B 335 -10.47 -27.13 -11.82
N THR B 336 -9.71 -28.02 -12.44
CA THR B 336 -8.22 -27.96 -12.51
C THR B 336 -7.76 -27.64 -13.94
N ALA B 337 -8.59 -27.97 -14.94
CA ALA B 337 -8.30 -27.77 -16.38
C ALA B 337 -9.47 -27.05 -17.06
N GLY B 338 -10.02 -27.64 -18.13
CA GLY B 338 -11.11 -27.07 -18.94
C GLY B 338 -12.48 -27.27 -18.30
N GLN B 339 -13.50 -26.59 -18.85
CA GLN B 339 -14.92 -26.65 -18.41
C GLN B 339 -15.57 -27.93 -18.93
N LEU B 340 -15.50 -28.14 -20.25
CA LEU B 340 -16.00 -29.35 -20.94
C LEU B 340 -15.06 -30.50 -20.62
N ALA B 341 -15.57 -31.60 -20.04
CA ALA B 341 -14.76 -32.75 -19.60
C ALA B 341 -13.74 -32.28 -18.56
N GLY B 342 -12.81 -33.16 -18.16
CA GLY B 342 -11.74 -32.83 -17.18
C GLY B 342 -12.04 -33.39 -15.79
N THR B 343 -11.18 -33.05 -14.82
CA THR B 343 -11.27 -33.54 -13.42
C THR B 343 -11.64 -32.39 -12.47
N SER B 344 -12.46 -32.69 -11.46
CA SER B 344 -12.85 -31.76 -10.36
C SER B 344 -12.09 -32.18 -9.09
N SER B 345 -11.63 -31.19 -8.33
CA SER B 345 -10.71 -31.38 -7.17
C SER B 345 -11.30 -30.80 -5.87
N VAL B 346 -10.77 -31.31 -4.76
CA VAL B 346 -11.02 -30.81 -3.37
C VAL B 346 -9.88 -29.86 -3.05
N GLU B 347 -8.74 -30.13 -3.68
CA GLU B 347 -7.43 -29.45 -3.47
C GLU B 347 -7.46 -28.04 -4.04
N MET B 348 -8.21 -27.80 -5.13
CA MET B 348 -8.31 -26.47 -5.79
C MET B 348 -8.91 -25.45 -4.80
N TYR B 349 -9.84 -25.88 -3.95
CA TYR B 349 -10.45 -25.01 -2.92
C TYR B 349 -9.38 -24.54 -1.94
N ARG B 350 -8.62 -25.51 -1.40
CA ARG B 350 -7.49 -25.25 -0.46
C ARG B 350 -6.54 -24.24 -1.09
N GLN B 351 -6.11 -24.49 -2.33
CA GLN B 351 -5.15 -23.64 -3.09
C GLN B 351 -5.74 -22.24 -3.35
N ALA B 352 -6.99 -22.17 -3.78
CA ALA B 352 -7.66 -20.88 -4.07
C ALA B 352 -7.72 -20.02 -2.80
N LEU B 353 -8.20 -20.60 -1.70
CA LEU B 353 -8.38 -19.90 -0.41
C LEU B 353 -7.04 -19.44 0.15
N LEU B 354 -6.02 -20.31 0.07
CA LEU B 354 -4.64 -20.07 0.58
C LEU B 354 -4.01 -18.94 -0.23
N TRP B 355 -4.42 -18.79 -1.50
CA TRP B 355 -3.90 -17.75 -2.44
C TRP B 355 -4.57 -16.40 -2.18
N GLY B 356 -5.54 -16.36 -1.27
CA GLY B 356 -6.24 -15.11 -0.86
C GLY B 356 -7.66 -15.05 -1.40
N CYS B 357 -8.03 -15.95 -2.31
CA CYS B 357 -9.41 -15.99 -2.87
C CYS B 357 -10.40 -15.92 -1.71
N ARG B 358 -11.43 -15.08 -1.82
CA ARG B 358 -12.42 -14.84 -0.74
C ARG B 358 -13.82 -15.23 -1.19
N CYS B 359 -13.96 -15.81 -2.38
CA CYS B 359 -15.26 -16.20 -2.99
C CYS B 359 -15.06 -17.41 -3.92
N VAL B 360 -15.38 -18.60 -3.41
CA VAL B 360 -15.30 -19.90 -4.14
C VAL B 360 -16.71 -20.26 -4.60
N GLU B 361 -16.82 -21.10 -5.63
CA GLU B 361 -18.12 -21.50 -6.24
C GLU B 361 -18.31 -23.01 -6.07
N LEU B 362 -19.44 -23.43 -5.48
CA LEU B 362 -19.80 -24.85 -5.29
C LEU B 362 -21.02 -25.21 -6.16
N ASP B 363 -20.79 -25.57 -7.42
CA ASP B 363 -21.85 -26.04 -8.37
C ASP B 363 -22.25 -27.45 -7.91
N VAL B 364 -23.23 -27.53 -7.01
CA VAL B 364 -23.67 -28.78 -6.32
C VAL B 364 -24.80 -29.47 -7.08
N TRP B 365 -24.70 -30.81 -7.18
CA TRP B 365 -25.74 -31.70 -7.76
C TRP B 365 -26.28 -32.60 -6.65
N LYS B 366 -27.25 -33.46 -6.96
CA LYS B 366 -27.99 -34.27 -5.93
C LYS B 366 -27.38 -35.66 -5.79
N GLY B 367 -27.31 -36.12 -4.54
CA GLY B 367 -26.72 -37.41 -4.12
C GLY B 367 -27.48 -38.61 -4.67
N ARG B 368 -26.89 -39.79 -4.53
CA ARG B 368 -27.45 -41.08 -5.01
C ARG B 368 -28.41 -41.63 -3.97
N PRO B 369 -29.40 -42.46 -4.37
CA PRO B 369 -30.39 -42.98 -3.42
C PRO B 369 -29.77 -43.69 -2.22
N PRO B 370 -29.07 -44.84 -2.39
CA PRO B 370 -28.50 -45.53 -1.24
C PRO B 370 -27.43 -44.64 -0.57
N GLU B 371 -26.57 -44.03 -1.39
CA GLU B 371 -25.48 -43.12 -0.93
C GLU B 371 -26.07 -41.72 -0.76
N GLU B 372 -26.58 -41.43 0.44
CA GLU B 372 -27.26 -40.16 0.80
C GLU B 372 -26.28 -38.99 0.84
N GLU B 373 -25.43 -38.84 -0.18
CA GLU B 373 -24.35 -37.81 -0.19
C GLU B 373 -24.30 -37.03 -1.49
N PRO B 374 -24.62 -35.71 -1.44
CA PRO B 374 -24.56 -34.85 -2.63
C PRO B 374 -23.12 -34.56 -3.07
N PHE B 375 -22.88 -34.53 -4.39
CA PHE B 375 -21.54 -34.37 -5.00
C PHE B 375 -21.43 -33.04 -5.75
N ILE B 376 -20.21 -32.67 -6.13
CA ILE B 376 -19.90 -31.41 -6.86
C ILE B 376 -19.23 -31.74 -8.21
N THR B 377 -19.74 -31.10 -9.27
CA THR B 377 -19.18 -31.13 -10.65
C THR B 377 -19.77 -29.97 -11.44
N HIS B 378 -19.60 -29.97 -12.77
CA HIS B 378 -20.12 -28.90 -13.66
C HIS B 378 -21.60 -29.15 -13.96
N GLY B 379 -21.91 -30.09 -14.87
CA GLY B 379 -23.30 -30.35 -15.29
C GLY B 379 -23.48 -31.68 -15.99
N PHE B 380 -23.82 -31.63 -17.28
CA PHE B 380 -24.11 -32.84 -18.09
C PHE B 380 -22.83 -33.27 -18.84
N THR B 381 -21.69 -32.70 -18.42
CA THR B 381 -20.35 -33.01 -18.97
C THR B 381 -19.75 -34.20 -18.20
N MET B 382 -19.27 -35.22 -18.92
CA MET B 382 -18.59 -36.37 -18.25
C MET B 382 -17.30 -35.85 -17.61
N THR B 383 -17.49 -35.11 -16.51
CA THR B 383 -16.46 -34.48 -15.66
C THR B 383 -16.52 -35.12 -14.27
N THR B 384 -15.40 -35.71 -13.80
CA THR B 384 -15.34 -36.43 -12.50
C THR B 384 -15.94 -35.55 -11.40
N GLU B 385 -16.51 -36.16 -10.35
CA GLU B 385 -17.17 -35.42 -9.24
C GLU B 385 -16.51 -35.76 -7.90
N VAL B 386 -16.61 -34.82 -6.96
CA VAL B 386 -16.06 -34.93 -5.56
C VAL B 386 -17.21 -34.72 -4.57
N PRO B 387 -17.12 -35.30 -3.35
CA PRO B 387 -18.21 -35.16 -2.38
C PRO B 387 -18.27 -33.74 -1.80
N LEU B 388 -19.47 -33.18 -1.69
CA LEU B 388 -19.70 -31.83 -1.12
C LEU B 388 -19.05 -31.75 0.26
N ARG B 389 -19.27 -32.77 1.10
CA ARG B 389 -18.77 -32.86 2.49
C ARG B 389 -17.25 -32.68 2.51
N ASP B 390 -16.56 -33.18 1.47
CA ASP B 390 -15.08 -33.14 1.37
C ASP B 390 -14.62 -31.74 0.96
N VAL B 391 -15.47 -30.97 0.27
CA VAL B 391 -15.17 -29.58 -0.17
C VAL B 391 -15.40 -28.64 1.02
N LEU B 392 -16.46 -28.89 1.79
CA LEU B 392 -16.83 -28.05 2.97
C LEU B 392 -15.70 -28.09 3.99
N GLU B 393 -15.18 -29.28 4.32
CA GLU B 393 -14.09 -29.48 5.31
C GLU B 393 -12.82 -28.78 4.82
N ALA B 394 -12.46 -28.95 3.54
CA ALA B 394 -11.26 -28.36 2.91
C ALA B 394 -11.33 -26.83 3.00
N ILE B 395 -12.53 -26.28 3.18
CA ILE B 395 -12.73 -24.79 3.23
C ILE B 395 -12.54 -24.31 4.67
N ALA B 396 -13.19 -24.98 5.62
CA ALA B 396 -13.09 -24.64 7.06
C ALA B 396 -11.62 -24.75 7.50
N GLU B 397 -10.85 -25.52 6.73
CA GLU B 397 -9.42 -25.86 6.99
C GLU B 397 -8.50 -24.73 6.53
N THR B 398 -8.74 -24.18 5.34
CA THR B 398 -7.83 -23.20 4.66
C THR B 398 -8.40 -21.78 4.65
N ALA B 399 -9.70 -21.64 4.91
CA ALA B 399 -10.49 -20.39 4.76
C ALA B 399 -9.76 -19.17 5.35
N PHE B 400 -9.13 -19.28 6.52
CA PHE B 400 -8.48 -18.12 7.18
C PHE B 400 -7.04 -18.43 7.61
N LYS B 401 -6.32 -19.25 6.84
CA LYS B 401 -4.90 -19.55 7.12
C LYS B 401 -4.03 -18.37 6.66
N THR B 402 -4.34 -17.78 5.51
CA THR B 402 -3.55 -16.69 4.89
C THR B 402 -4.33 -15.38 4.90
N SER B 403 -5.50 -15.35 5.54
CA SER B 403 -6.33 -14.12 5.64
C SER B 403 -7.43 -14.32 6.66
N PRO B 404 -7.70 -13.30 7.50
CA PRO B 404 -8.73 -13.36 8.53
C PRO B 404 -10.04 -12.68 8.09
N TYR B 405 -10.08 -12.17 6.86
CA TYR B 405 -11.24 -11.41 6.31
C TYR B 405 -12.27 -12.38 5.73
N PRO B 406 -13.56 -11.98 5.69
CA PRO B 406 -14.66 -12.91 5.39
C PRO B 406 -14.57 -13.72 4.09
N VAL B 407 -15.21 -14.89 4.07
CA VAL B 407 -15.23 -15.83 2.92
C VAL B 407 -16.68 -16.08 2.50
N ILE B 408 -16.95 -15.92 1.20
CA ILE B 408 -18.27 -16.12 0.54
C ILE B 408 -18.28 -17.49 -0.15
N LEU B 409 -19.34 -18.28 0.07
CA LEU B 409 -19.55 -19.60 -0.60
C LEU B 409 -20.67 -19.44 -1.64
N SER B 410 -20.29 -19.27 -2.92
CA SER B 410 -21.21 -19.10 -4.07
C SER B 410 -21.87 -20.43 -4.42
N PHE B 411 -23.10 -20.65 -3.95
CA PHE B 411 -23.86 -21.91 -4.16
C PHE B 411 -24.72 -21.81 -5.42
N GLU B 412 -24.46 -22.74 -6.36
CA GLU B 412 -25.25 -23.00 -7.59
C GLU B 412 -25.92 -24.34 -7.38
N ASN B 413 -27.12 -24.31 -6.78
CA ASN B 413 -27.85 -25.49 -6.25
C ASN B 413 -28.65 -26.18 -7.37
N HIS B 414 -28.52 -27.51 -7.43
CA HIS B 414 -29.21 -28.43 -8.39
C HIS B 414 -29.74 -29.66 -7.63
N VAL B 415 -30.04 -29.49 -6.34
CA VAL B 415 -30.49 -30.58 -5.42
C VAL B 415 -32.03 -30.71 -5.47
N ASP B 416 -32.53 -31.76 -6.13
CA ASP B 416 -33.98 -32.10 -6.19
C ASP B 416 -34.33 -33.04 -5.04
N SER B 417 -34.15 -32.58 -3.80
CA SER B 417 -34.37 -33.37 -2.56
C SER B 417 -34.44 -32.45 -1.33
N ALA B 418 -35.48 -32.67 -0.50
CA ALA B 418 -35.71 -31.95 0.77
C ALA B 418 -34.75 -32.48 1.85
N LYS B 419 -34.44 -33.78 1.81
CA LYS B 419 -33.57 -34.48 2.78
C LYS B 419 -32.12 -34.01 2.61
N GLN B 420 -31.58 -34.21 1.41
CA GLN B 420 -30.16 -33.90 1.07
C GLN B 420 -29.91 -32.40 1.20
N GLN B 421 -30.84 -31.55 0.72
CA GLN B 421 -30.69 -30.08 0.82
C GLN B 421 -30.64 -29.68 2.30
N ALA B 422 -31.35 -30.42 3.16
CA ALA B 422 -31.37 -30.21 4.63
C ALA B 422 -30.04 -30.69 5.22
N LYS B 423 -29.59 -31.87 4.78
CA LYS B 423 -28.31 -32.53 5.17
C LYS B 423 -27.15 -31.68 4.62
N MET B 424 -27.47 -30.84 3.64
CA MET B 424 -26.54 -29.91 2.94
C MET B 424 -26.33 -28.67 3.82
N ALA B 425 -27.39 -28.25 4.52
CA ALA B 425 -27.40 -27.14 5.48
C ALA B 425 -26.76 -27.61 6.80
N GLU B 426 -27.07 -28.86 7.16
CA GLU B 426 -26.59 -29.56 8.39
C GLU B 426 -25.06 -29.61 8.39
N TYR B 427 -24.45 -29.90 7.23
CA TYR B 427 -22.97 -29.93 7.09
C TYR B 427 -22.41 -28.52 7.34
N CYS B 428 -23.06 -27.48 6.82
CA CYS B 428 -22.57 -26.07 6.91
C CYS B 428 -22.46 -25.65 8.38
N ARG B 429 -23.49 -25.90 9.19
CA ARG B 429 -23.50 -25.54 10.63
C ARG B 429 -22.49 -26.42 11.38
N SER B 430 -22.40 -27.70 11.01
CA SER B 430 -21.59 -28.75 11.67
C SER B 430 -20.08 -28.54 11.48
N ILE B 431 -19.65 -28.28 10.24
CA ILE B 431 -18.21 -28.21 9.84
C ILE B 431 -17.64 -26.81 10.07
N PHE B 432 -18.42 -25.74 9.86
CA PHE B 432 -17.94 -24.35 10.02
C PHE B 432 -18.18 -23.88 11.47
N GLY B 433 -19.16 -24.46 12.16
CA GLY B 433 -19.48 -24.12 13.56
C GLY B 433 -19.75 -22.64 13.77
N ASP B 434 -19.11 -22.04 14.78
CA ASP B 434 -19.29 -20.63 15.23
C ASP B 434 -18.88 -19.65 14.12
N ALA B 435 -18.07 -20.10 13.16
CA ALA B 435 -17.56 -19.27 12.04
C ALA B 435 -18.71 -18.91 11.09
N LEU B 436 -19.59 -19.88 10.82
CA LEU B 436 -20.75 -19.73 9.91
C LEU B 436 -21.68 -18.64 10.45
N LEU B 437 -21.95 -17.61 9.64
CA LEU B 437 -22.90 -16.53 10.05
C LEU B 437 -24.32 -17.01 9.72
N ILE B 438 -25.07 -17.42 10.74
CA ILE B 438 -26.43 -18.02 10.62
C ILE B 438 -27.50 -16.94 10.81
N GLU B 439 -27.22 -15.90 11.60
CA GLU B 439 -28.16 -14.78 11.89
C GLU B 439 -27.46 -13.46 11.64
N PRO B 440 -28.23 -12.37 11.38
CA PRO B 440 -27.66 -11.04 11.17
C PRO B 440 -27.04 -10.48 12.46
N LEU B 441 -26.16 -9.49 12.35
CA LEU B 441 -25.47 -8.80 13.48
C LEU B 441 -26.44 -7.81 14.14
N ASP B 442 -26.28 -7.61 15.45
CA ASP B 442 -27.10 -6.66 16.27
C ASP B 442 -27.12 -5.29 15.61
N LYS B 443 -26.01 -4.88 14.98
CA LYS B 443 -25.81 -3.51 14.44
C LYS B 443 -26.35 -3.38 13.02
N TYR B 444 -26.40 -4.47 12.24
CA TYR B 444 -26.81 -4.43 10.81
C TYR B 444 -28.02 -5.34 10.56
N PRO B 445 -29.25 -4.89 10.91
CA PRO B 445 -30.46 -5.65 10.63
C PRO B 445 -30.74 -5.65 9.12
N LEU B 446 -31.31 -6.75 8.59
CA LEU B 446 -31.60 -6.94 7.14
C LEU B 446 -32.78 -6.07 6.72
N ALA B 447 -32.78 -4.79 7.12
CA ALA B 447 -33.83 -3.81 6.77
C ALA B 447 -33.31 -2.89 5.68
N PRO B 448 -34.20 -2.30 4.85
CA PRO B 448 -33.77 -1.35 3.83
C PRO B 448 -33.07 -0.14 4.47
N GLY B 449 -32.19 0.53 3.73
CA GLY B 449 -31.47 1.73 4.19
C GLY B 449 -30.22 1.40 4.98
N VAL B 450 -30.16 0.23 5.62
CA VAL B 450 -28.99 -0.24 6.43
C VAL B 450 -27.87 -0.63 5.48
N PRO B 451 -26.60 -0.28 5.80
CA PRO B 451 -25.48 -0.66 4.94
C PRO B 451 -24.99 -2.09 5.25
N LEU B 452 -24.19 -2.66 4.34
CA LEU B 452 -23.62 -4.02 4.46
C LEU B 452 -22.44 -3.97 5.43
N PRO B 453 -22.24 -5.00 6.28
CA PRO B 453 -21.20 -4.95 7.31
C PRO B 453 -19.75 -4.81 6.82
N SER B 454 -18.87 -4.29 7.69
CA SER B 454 -17.40 -4.16 7.45
C SER B 454 -16.77 -5.53 7.23
N PRO B 455 -15.67 -5.61 6.45
CA PRO B 455 -14.89 -6.84 6.45
C PRO B 455 -14.31 -7.08 7.85
N GLN B 456 -14.06 -5.99 8.58
CA GLN B 456 -13.55 -5.98 9.98
C GLN B 456 -14.61 -6.63 10.89
N ASP B 457 -15.87 -6.32 10.62
CA ASP B 457 -17.06 -6.79 11.39
C ASP B 457 -17.26 -8.29 11.21
N LEU B 458 -16.74 -8.87 10.12
CA LEU B 458 -16.98 -10.28 9.72
C LEU B 458 -15.67 -11.07 9.69
N MET B 459 -14.70 -10.69 10.52
CA MET B 459 -13.39 -11.39 10.58
C MET B 459 -13.61 -12.82 11.09
N GLY B 460 -13.14 -13.79 10.30
CA GLY B 460 -13.27 -15.23 10.58
C GLY B 460 -14.71 -15.68 10.45
N ARG B 461 -15.36 -15.31 9.34
CA ARG B 461 -16.79 -15.61 9.10
C ARG B 461 -17.01 -16.24 7.71
N ILE B 462 -17.96 -17.17 7.63
CA ILE B 462 -18.36 -17.88 6.39
C ILE B 462 -19.80 -17.44 6.06
N LEU B 463 -19.95 -16.63 5.01
CA LEU B 463 -21.26 -16.15 4.53
C LEU B 463 -21.70 -17.02 3.36
N VAL B 464 -22.97 -17.46 3.39
CA VAL B 464 -23.56 -18.37 2.36
C VAL B 464 -24.41 -17.55 1.39
N LYS B 465 -24.16 -17.78 0.09
CA LYS B 465 -24.79 -17.08 -1.05
C LYS B 465 -25.56 -18.11 -1.88
N ASN B 466 -26.86 -18.23 -1.57
CA ASN B 466 -27.80 -19.16 -2.26
C ASN B 466 -29.20 -18.56 -2.20
N LYS B 467 -30.13 -19.08 -3.00
CA LYS B 467 -31.53 -18.59 -3.04
C LYS B 467 -32.13 -18.65 -1.64
N LYS B 468 -32.98 -17.66 -1.32
CA LYS B 468 -33.70 -17.53 -0.02
C LYS B 468 -35.21 -17.40 -0.29
N ARG B 469 -36.04 -17.82 0.66
CA ARG B 469 -37.53 -17.81 0.52
C ARG B 469 -38.16 -17.25 1.79
N ASP B 575 -25.80 -18.97 -22.80
CA ASP B 575 -24.46 -19.50 -22.40
C ASP B 575 -24.13 -19.07 -20.97
N GLU B 576 -25.15 -18.81 -20.16
CA GLU B 576 -25.02 -18.51 -18.71
C GLU B 576 -24.59 -19.80 -17.99
N GLY B 577 -24.79 -20.93 -18.66
CA GLY B 577 -24.47 -22.28 -18.15
C GLY B 577 -25.54 -22.78 -17.21
N THR B 578 -25.14 -23.66 -16.27
CA THR B 578 -26.04 -24.28 -15.26
C THR B 578 -26.48 -23.21 -14.24
N ALA B 579 -26.10 -21.96 -14.46
CA ALA B 579 -26.46 -20.81 -13.57
C ALA B 579 -27.79 -20.22 -14.03
N SER B 580 -28.35 -20.74 -15.12
CA SER B 580 -29.65 -20.28 -15.70
C SER B 580 -30.79 -21.16 -15.18
N SER B 581 -30.48 -22.31 -14.56
CA SER B 581 -31.51 -23.22 -14.00
C SER B 581 -31.04 -23.84 -12.68
N GLU B 582 -31.28 -23.13 -11.58
CA GLU B 582 -31.07 -23.62 -10.19
C GLU B 582 -32.44 -24.10 -9.66
N VAL B 583 -32.45 -24.97 -8.65
CA VAL B 583 -33.70 -25.52 -8.03
C VAL B 583 -34.30 -24.47 -7.11
N ASN B 584 -35.47 -24.78 -6.54
CA ASN B 584 -36.20 -23.92 -5.58
C ASN B 584 -35.36 -23.74 -4.33
N ALA B 585 -35.77 -22.81 -3.45
CA ALA B 585 -35.06 -22.51 -2.19
C ALA B 585 -35.85 -23.08 -1.00
N THR B 586 -35.32 -24.13 -0.36
CA THR B 586 -35.92 -24.76 0.85
C THR B 586 -35.56 -23.92 2.07
N GLU B 587 -36.21 -24.20 3.21
CA GLU B 587 -36.06 -23.42 4.47
C GLU B 587 -34.70 -23.70 5.12
N GLU B 588 -34.17 -24.92 4.95
CA GLU B 588 -32.89 -25.34 5.58
C GLU B 588 -31.72 -24.51 5.02
N MET B 589 -31.65 -24.34 3.70
CA MET B 589 -30.57 -23.58 3.00
C MET B 589 -30.91 -22.09 2.94
N SER B 590 -32.13 -21.72 3.32
CA SER B 590 -32.66 -20.32 3.28
C SER B 590 -32.39 -19.62 4.61
N THR B 591 -32.20 -20.40 5.67
CA THR B 591 -32.04 -19.90 7.06
C THR B 591 -30.57 -19.56 7.34
N LEU B 592 -29.69 -19.74 6.34
CA LEU B 592 -28.24 -19.43 6.46
C LEU B 592 -27.91 -18.19 5.64
N VAL B 593 -28.73 -17.88 4.63
CA VAL B 593 -28.54 -16.69 3.74
C VAL B 593 -29.01 -15.44 4.48
N ASN B 594 -28.20 -14.38 4.51
CA ASN B 594 -28.49 -13.14 5.27
C ASN B 594 -27.98 -11.90 4.54
N TYR B 595 -26.66 -11.78 4.31
CA TYR B 595 -26.11 -10.52 3.75
C TYR B 595 -25.81 -10.65 2.26
N ILE B 596 -25.71 -11.88 1.76
CA ILE B 596 -25.40 -12.13 0.32
C ILE B 596 -26.50 -13.01 -0.28
N GLU B 597 -27.72 -12.46 -0.26
CA GLU B 597 -28.96 -13.08 -0.79
C GLU B 597 -29.09 -12.72 -2.27
N PRO B 598 -28.83 -13.67 -3.19
CA PRO B 598 -28.92 -13.40 -4.62
C PRO B 598 -30.38 -13.27 -5.06
N VAL B 599 -30.65 -12.41 -6.04
CA VAL B 599 -32.04 -12.14 -6.53
C VAL B 599 -31.99 -11.79 -8.02
N LYS B 600 -33.05 -12.12 -8.75
CA LYS B 600 -33.21 -11.79 -10.19
C LYS B 600 -33.02 -10.27 -10.37
N PHE B 601 -31.97 -9.87 -11.09
CA PHE B 601 -31.69 -8.45 -11.42
C PHE B 601 -32.71 -7.94 -12.45
N LYS B 602 -33.36 -6.81 -12.16
CA LYS B 602 -34.33 -6.14 -13.06
C LYS B 602 -33.62 -5.00 -13.79
N SER B 603 -33.46 -3.87 -13.10
CA SER B 603 -32.71 -2.67 -13.56
C SER B 603 -31.91 -2.12 -12.38
N PHE B 604 -31.31 -0.94 -12.53
CA PHE B 604 -30.60 -0.24 -11.43
C PHE B 604 -31.63 0.61 -10.67
N GLU B 605 -32.58 1.20 -11.41
CA GLU B 605 -33.69 2.02 -10.86
C GLU B 605 -34.46 1.18 -9.82
N ALA B 606 -34.69 -0.10 -10.11
CA ALA B 606 -35.43 -1.04 -9.24
C ALA B 606 -34.64 -1.29 -7.95
N ALA B 607 -33.44 -1.87 -8.06
CA ALA B 607 -32.54 -2.18 -6.92
C ALA B 607 -32.37 -0.94 -6.04
N ARG B 608 -32.48 0.25 -6.65
CA ARG B 608 -32.35 1.58 -5.98
C ARG B 608 -33.63 1.89 -5.20
N LYS B 609 -34.79 1.86 -5.88
CA LYS B 609 -36.14 2.05 -5.29
C LYS B 609 -36.29 1.14 -4.07
N ARG B 610 -35.87 -0.11 -4.22
CA ARG B 610 -35.97 -1.23 -3.24
C ARG B 610 -35.04 -0.94 -2.06
N ASN B 611 -33.80 -0.50 -2.33
CA ASN B 611 -32.81 -0.07 -1.31
C ASN B 611 -32.51 -1.21 -0.33
N LYS B 612 -31.91 -2.30 -0.82
CA LYS B 612 -31.50 -3.44 0.04
C LYS B 612 -30.05 -3.81 -0.29
N CYS B 613 -29.14 -3.57 0.66
CA CYS B 613 -27.68 -3.80 0.50
C CYS B 613 -27.35 -5.29 0.61
N PHE B 614 -28.29 -6.08 1.14
CA PHE B 614 -28.14 -7.54 1.38
C PHE B 614 -28.62 -8.32 0.16
N GLU B 615 -29.19 -7.61 -0.83
CA GLU B 615 -29.68 -8.18 -2.11
C GLU B 615 -28.59 -7.99 -3.17
N MET B 616 -27.97 -9.06 -3.63
CA MET B 616 -26.92 -8.98 -4.69
C MET B 616 -27.35 -9.84 -5.88
N SER B 617 -26.85 -9.50 -7.08
CA SER B 617 -27.14 -10.22 -8.34
C SER B 617 -25.85 -10.48 -9.12
N SER B 618 -25.75 -11.67 -9.72
CA SER B 618 -24.65 -12.12 -10.60
C SER B 618 -24.95 -11.69 -12.05
N PHE B 619 -23.91 -11.66 -12.88
CA PHE B 619 -23.98 -11.25 -14.31
C PHE B 619 -22.92 -12.00 -15.12
N VAL B 620 -23.33 -12.96 -15.94
CA VAL B 620 -22.39 -13.63 -16.89
C VAL B 620 -21.77 -12.53 -17.74
N GLU B 621 -20.44 -12.58 -17.88
CA GLU B 621 -19.60 -11.60 -18.61
C GLU B 621 -20.42 -10.82 -19.66
N THR B 622 -20.90 -11.49 -20.71
CA THR B 622 -21.61 -10.83 -21.85
C THR B 622 -22.79 -10.00 -21.33
N LYS B 623 -23.48 -10.47 -20.28
CA LYS B 623 -24.62 -9.73 -19.66
C LYS B 623 -24.03 -8.49 -18.95
N ALA B 624 -22.93 -8.69 -18.24
CA ALA B 624 -22.20 -7.63 -17.50
C ALA B 624 -21.69 -6.58 -18.49
N MET B 625 -21.31 -7.02 -19.69
CA MET B 625 -20.74 -6.15 -20.76
C MET B 625 -21.80 -5.18 -21.26
N GLU B 626 -23.04 -5.66 -21.46
CA GLU B 626 -24.18 -4.81 -21.93
C GLU B 626 -24.45 -3.69 -20.92
N GLN B 627 -24.45 -4.01 -19.63
CA GLN B 627 -24.72 -3.02 -18.55
C GLN B 627 -23.53 -2.07 -18.43
N LEU B 628 -22.34 -2.52 -18.86
CA LEU B 628 -21.08 -1.73 -18.79
C LEU B 628 -21.13 -0.58 -19.81
N THR B 629 -21.56 -0.86 -21.04
CA THR B 629 -21.55 0.10 -22.16
C THR B 629 -22.82 0.97 -22.13
N LYS B 630 -23.95 0.41 -21.66
CA LYS B 630 -25.27 1.09 -21.68
C LYS B 630 -25.44 1.97 -20.43
N SER B 631 -25.15 1.45 -19.24
CA SER B 631 -25.36 2.20 -17.98
C SER B 631 -24.16 2.08 -17.06
N PRO B 632 -22.99 2.68 -17.41
CA PRO B 632 -21.80 2.55 -16.58
C PRO B 632 -21.89 3.31 -15.25
N MET B 633 -22.44 4.53 -15.27
CA MET B 633 -22.54 5.36 -14.04
C MET B 633 -23.59 4.75 -13.10
N GLU B 634 -24.68 4.23 -13.67
CA GLU B 634 -25.80 3.60 -12.92
C GLU B 634 -25.29 2.28 -12.32
N PHE B 635 -24.27 1.68 -12.94
CA PHE B 635 -23.65 0.41 -12.51
C PHE B 635 -22.73 0.69 -11.32
N VAL B 636 -21.98 1.80 -11.39
CA VAL B 636 -21.10 2.25 -10.28
C VAL B 636 -22.01 2.61 -9.10
N GLU B 637 -23.08 3.37 -9.35
CA GLU B 637 -24.07 3.76 -8.30
C GLU B 637 -24.42 2.52 -7.48
N TYR B 638 -24.86 1.48 -8.20
CA TYR B 638 -25.37 0.20 -7.66
C TYR B 638 -24.33 -0.45 -6.75
N ASN B 639 -23.06 -0.42 -7.20
CA ASN B 639 -21.93 -1.14 -6.55
C ASN B 639 -21.48 -0.40 -5.27
N LYS B 640 -22.06 0.76 -4.97
CA LYS B 640 -21.73 1.51 -3.73
C LYS B 640 -22.51 0.93 -2.55
N GLN B 641 -23.60 0.20 -2.79
CA GLN B 641 -24.43 -0.32 -1.68
C GLN B 641 -24.67 -1.83 -1.81
N GLN B 642 -24.74 -2.36 -3.03
CA GLN B 642 -25.03 -3.79 -3.27
C GLN B 642 -23.81 -4.45 -3.91
N LEU B 643 -23.69 -5.77 -3.78
CA LEU B 643 -22.59 -6.57 -4.37
C LEU B 643 -23.04 -7.11 -5.72
N SER B 644 -22.11 -7.20 -6.68
CA SER B 644 -22.34 -7.74 -8.04
C SER B 644 -21.23 -8.76 -8.35
N ARG B 645 -21.60 -9.96 -8.80
CA ARG B 645 -20.64 -11.05 -9.15
C ARG B 645 -20.64 -11.26 -10.67
N ILE B 646 -19.44 -11.24 -11.27
CA ILE B 646 -19.22 -11.47 -12.73
C ILE B 646 -18.52 -12.83 -12.88
N TYR B 647 -18.99 -13.66 -13.81
CA TYR B 647 -18.42 -15.01 -14.10
C TYR B 647 -18.30 -15.21 -15.60
N PRO B 648 -17.21 -15.85 -16.07
CA PRO B 648 -16.99 -16.05 -17.51
C PRO B 648 -18.17 -16.79 -18.17
N LYS B 649 -18.29 -16.68 -19.50
CA LYS B 649 -19.39 -17.31 -20.29
C LYS B 649 -19.08 -18.79 -20.49
N GLY B 650 -20.13 -19.58 -20.79
CA GLY B 650 -20.08 -21.04 -20.97
C GLY B 650 -19.33 -21.44 -22.23
N THR B 651 -18.99 -20.47 -23.08
CA THR B 651 -18.27 -20.71 -24.36
C THR B 651 -16.79 -21.01 -24.08
N ARG B 652 -16.19 -20.32 -23.10
CA ARG B 652 -14.76 -20.46 -22.73
C ARG B 652 -14.55 -21.84 -22.10
N VAL B 653 -14.74 -22.89 -22.92
CA VAL B 653 -14.67 -24.33 -22.53
C VAL B 653 -13.24 -24.69 -22.11
N ASP B 654 -12.28 -23.82 -22.45
CA ASP B 654 -10.84 -23.98 -22.09
C ASP B 654 -10.57 -23.09 -20.87
N SER B 655 -11.58 -22.95 -20.01
CA SER B 655 -11.51 -22.17 -18.74
C SER B 655 -10.71 -20.89 -18.95
N SER B 656 -10.83 -20.31 -20.15
CA SER B 656 -10.22 -19.01 -20.53
C SER B 656 -10.72 -17.95 -19.55
N ASN B 657 -10.05 -16.78 -19.51
CA ASN B 657 -10.44 -15.69 -18.58
C ASN B 657 -10.70 -14.39 -19.33
N TYR B 658 -11.65 -13.58 -18.83
CA TYR B 658 -11.94 -12.20 -19.30
C TYR B 658 -11.12 -11.25 -18.43
N MET B 659 -10.79 -10.07 -18.95
CA MET B 659 -10.03 -9.01 -18.24
C MET B 659 -10.90 -8.42 -17.14
N PRO B 660 -10.68 -8.77 -15.85
CA PRO B 660 -11.48 -8.24 -14.75
C PRO B 660 -11.50 -6.71 -14.65
N GLN B 661 -10.46 -6.04 -15.17
CA GLN B 661 -10.32 -4.56 -15.09
C GLN B 661 -11.55 -3.87 -15.70
N LEU B 662 -12.29 -4.54 -16.59
CA LEU B 662 -13.51 -4.00 -17.25
C LEU B 662 -14.58 -3.70 -16.20
N PHE B 663 -14.73 -4.63 -15.25
CA PHE B 663 -15.82 -4.66 -14.23
C PHE B 663 -15.37 -3.94 -12.96
N TRP B 664 -14.10 -4.06 -12.57
CA TRP B 664 -13.55 -3.26 -11.44
C TRP B 664 -13.78 -1.78 -11.75
N ASN B 665 -13.60 -1.39 -13.01
CA ASN B 665 -13.77 0.01 -13.49
C ASN B 665 -15.20 0.51 -13.26
N VAL B 666 -16.18 -0.40 -13.09
CA VAL B 666 -17.58 -0.01 -12.75
C VAL B 666 -17.92 -0.47 -11.33
N GLY B 667 -16.88 -0.71 -10.50
CA GLY B 667 -17.02 -0.98 -9.06
C GLY B 667 -17.41 -2.41 -8.71
N CYS B 668 -17.38 -3.32 -9.71
CA CYS B 668 -17.73 -4.75 -9.51
C CYS B 668 -16.72 -5.35 -8.51
N GLN B 669 -17.25 -5.91 -7.41
CA GLN B 669 -16.48 -6.45 -6.27
C GLN B 669 -16.08 -7.91 -6.50
N LEU B 670 -17.06 -8.76 -6.80
CA LEU B 670 -16.90 -10.23 -6.93
C LEU B 670 -16.71 -10.61 -8.41
N VAL B 671 -15.54 -10.27 -8.95
CA VAL B 671 -15.21 -10.49 -10.39
C VAL B 671 -14.44 -11.80 -10.52
N ALA B 672 -15.18 -12.92 -10.45
CA ALA B 672 -14.66 -14.31 -10.42
C ALA B 672 -13.88 -14.62 -11.70
N LEU B 673 -12.90 -15.53 -11.57
CA LEU B 673 -11.98 -15.96 -12.65
C LEU B 673 -11.66 -17.45 -12.49
N ASN B 674 -10.97 -18.00 -13.49
CA ASN B 674 -10.51 -19.42 -13.53
C ASN B 674 -9.07 -19.48 -13.00
N PHE B 675 -8.91 -19.74 -11.70
CA PHE B 675 -7.60 -19.79 -11.00
C PHE B 675 -6.69 -20.87 -11.60
N GLN B 676 -7.24 -21.79 -12.38
CA GLN B 676 -6.48 -22.92 -12.98
C GLN B 676 -5.82 -22.47 -14.30
N THR B 677 -6.08 -21.25 -14.75
CA THR B 677 -5.51 -20.74 -16.03
C THR B 677 -4.79 -19.41 -15.76
N LEU B 678 -3.46 -19.45 -15.72
CA LEU B 678 -2.61 -18.26 -15.39
C LEU B 678 -2.30 -17.47 -16.66
N ASP B 679 -3.36 -17.00 -17.33
CA ASP B 679 -3.27 -16.04 -18.46
C ASP B 679 -3.13 -14.65 -17.83
N VAL B 680 -3.00 -13.59 -18.64
CA VAL B 680 -2.72 -12.22 -18.12
C VAL B 680 -3.82 -11.77 -17.15
N ALA B 681 -5.03 -12.31 -17.26
CA ALA B 681 -6.18 -11.96 -16.40
C ALA B 681 -5.89 -12.31 -14.95
N MET B 682 -5.50 -13.57 -14.69
CA MET B 682 -5.18 -14.08 -13.33
C MET B 682 -3.85 -13.49 -12.83
N GLN B 683 -2.85 -13.38 -13.72
CA GLN B 683 -1.55 -12.74 -13.39
C GLN B 683 -1.83 -11.34 -12.83
N LEU B 684 -2.79 -10.61 -13.41
CA LEU B 684 -3.18 -9.25 -12.95
C LEU B 684 -3.95 -9.38 -11.63
N ASN B 685 -4.74 -10.45 -11.50
CA ASN B 685 -5.54 -10.74 -10.28
C ASN B 685 -4.60 -10.98 -9.10
N ALA B 686 -3.65 -11.91 -9.23
CA ALA B 686 -2.64 -12.23 -8.18
C ALA B 686 -1.81 -10.97 -7.89
N GLY B 687 -1.37 -10.28 -8.93
CA GLY B 687 -0.62 -9.01 -8.81
C GLY B 687 -1.28 -8.03 -7.86
N VAL B 688 -2.53 -7.64 -8.10
CA VAL B 688 -3.20 -6.56 -7.32
C VAL B 688 -3.65 -7.07 -5.94
N PHE B 689 -3.89 -8.38 -5.77
CA PHE B 689 -4.34 -8.93 -4.47
C PHE B 689 -3.11 -9.35 -3.64
N GLU B 690 -1.91 -9.01 -4.09
CA GLU B 690 -0.72 -9.18 -3.20
C GLU B 690 -0.75 -8.04 -2.18
N TYR B 691 -1.30 -6.91 -2.61
CA TYR B 691 -1.32 -5.65 -1.83
C TYR B 691 -2.43 -5.74 -0.77
N ASN B 692 -2.33 -4.86 0.25
CA ASN B 692 -3.20 -4.84 1.44
C ASN B 692 -3.08 -6.18 2.19
N GLY B 693 -1.86 -6.58 2.51
CA GLY B 693 -1.54 -7.78 3.30
C GLY B 693 -2.08 -9.06 2.69
N ARG B 694 -2.35 -9.09 1.38
CA ARG B 694 -2.86 -10.30 0.72
C ARG B 694 -4.24 -10.63 1.32
N SER B 695 -4.84 -9.64 1.98
CA SER B 695 -6.13 -9.77 2.72
C SER B 695 -7.24 -10.30 1.80
N GLY B 696 -7.14 -10.10 0.48
CA GLY B 696 -8.17 -10.52 -0.47
C GLY B 696 -9.27 -9.48 -0.63
N TYR B 697 -9.10 -8.31 -0.01
CA TYR B 697 -10.03 -7.15 -0.08
C TYR B 697 -9.24 -5.86 -0.33
N LEU B 698 -9.52 -5.16 -1.44
CA LEU B 698 -8.93 -3.83 -1.78
C LEU B 698 -10.03 -2.77 -1.76
N LEU B 699 -9.78 -1.64 -1.09
CA LEU B 699 -10.78 -0.54 -0.96
C LEU B 699 -10.86 0.25 -2.27
N LYS B 700 -12.09 0.39 -2.80
CA LYS B 700 -12.36 1.12 -4.07
C LYS B 700 -12.03 2.61 -3.89
N PRO B 701 -11.66 3.30 -4.99
CA PRO B 701 -11.43 4.75 -4.93
C PRO B 701 -12.58 5.47 -4.22
N GLU B 702 -12.30 6.67 -3.70
CA GLU B 702 -13.26 7.49 -2.91
C GLU B 702 -14.47 7.86 -3.77
N PHE B 703 -14.22 8.26 -5.02
CA PHE B 703 -15.28 8.74 -5.95
C PHE B 703 -16.01 7.56 -6.59
N MET B 704 -15.71 6.34 -6.12
CA MET B 704 -16.44 5.11 -6.52
C MET B 704 -17.09 4.48 -5.28
N ARG B 705 -17.09 5.22 -4.17
CA ARG B 705 -17.63 4.80 -2.85
C ARG B 705 -18.66 5.81 -2.33
N ARG B 706 -18.39 7.11 -2.45
CA ARG B 706 -19.20 8.18 -1.80
C ARG B 706 -20.54 8.40 -2.50
N PRO B 707 -21.63 8.57 -1.72
CA PRO B 707 -22.94 8.87 -2.29
C PRO B 707 -22.94 10.26 -2.97
N ASP B 708 -22.22 11.19 -2.32
CA ASP B 708 -22.00 12.61 -2.72
C ASP B 708 -21.58 12.77 -4.19
N LYS B 709 -20.85 11.77 -4.69
CA LYS B 709 -20.00 11.94 -5.89
C LYS B 709 -20.34 10.90 -6.97
N SER B 710 -19.87 11.21 -8.19
CA SER B 710 -20.03 10.36 -9.39
C SER B 710 -19.16 10.93 -10.51
N PHE B 711 -18.58 10.04 -11.32
CA PHE B 711 -17.78 10.38 -12.53
C PHE B 711 -18.02 9.30 -13.58
N ASP B 712 -17.68 9.61 -14.84
CA ASP B 712 -17.88 8.70 -16.00
C ASP B 712 -16.62 7.84 -16.18
N PRO B 713 -16.72 6.51 -15.97
CA PRO B 713 -15.57 5.63 -16.17
C PRO B 713 -14.95 5.77 -17.57
N PHE B 714 -15.73 6.28 -18.53
CA PHE B 714 -15.30 6.47 -19.95
C PHE B 714 -14.78 7.89 -20.16
N THR B 715 -14.57 8.63 -19.07
CA THR B 715 -14.02 10.02 -19.12
C THR B 715 -12.65 9.99 -19.78
N GLU B 716 -12.51 10.73 -20.89
CA GLU B 716 -11.24 10.91 -21.64
C GLU B 716 -10.49 12.13 -21.08
N VAL B 717 -10.94 12.64 -19.92
CA VAL B 717 -10.41 13.89 -19.29
C VAL B 717 -10.29 13.70 -17.78
N ILE B 718 -9.52 14.59 -17.12
CA ILE B 718 -9.30 14.54 -15.65
C ILE B 718 -10.65 14.82 -14.99
N VAL B 719 -10.77 14.56 -13.70
CA VAL B 719 -12.03 14.65 -12.91
C VAL B 719 -11.76 15.53 -11.69
N ASP B 720 -12.57 16.57 -11.49
CA ASP B 720 -12.46 17.51 -10.35
C ASP B 720 -12.38 16.69 -9.06
N GLY B 721 -11.52 17.13 -8.12
CA GLY B 721 -11.35 16.49 -6.80
C GLY B 721 -10.56 15.20 -6.85
N ILE B 722 -10.10 14.80 -8.04
CA ILE B 722 -9.24 13.58 -8.20
C ILE B 722 -7.92 14.04 -8.82
N VAL B 723 -6.81 13.67 -8.17
CA VAL B 723 -5.45 14.10 -8.60
C VAL B 723 -4.90 13.08 -9.61
N ALA B 724 -4.84 13.50 -10.88
CA ALA B 724 -4.26 12.67 -11.96
C ALA B 724 -2.74 12.68 -11.84
N ASN B 725 -2.10 11.64 -12.39
CA ASN B 725 -0.63 11.40 -12.31
C ASN B 725 -0.11 11.20 -13.74
N ALA B 726 1.18 11.45 -13.90
CA ALA B 726 1.97 11.15 -15.12
C ALA B 726 3.02 10.10 -14.74
N LEU B 727 3.21 9.10 -15.60
CA LEU B 727 4.18 8.00 -15.37
C LEU B 727 5.13 7.88 -16.57
N ARG B 728 6.43 8.02 -16.31
CA ARG B 728 7.53 7.74 -17.26
C ARG B 728 8.30 6.49 -16.76
N VAL B 729 8.39 5.46 -17.60
CA VAL B 729 9.01 4.14 -17.27
C VAL B 729 10.10 3.84 -18.29
N LYS B 730 11.38 3.84 -17.86
CA LYS B 730 12.51 3.57 -18.79
C LYS B 730 13.21 2.27 -18.38
N VAL B 731 13.21 1.29 -19.29
CA VAL B 731 13.87 -0.03 -19.08
C VAL B 731 15.37 0.20 -19.33
N ILE B 732 16.18 0.08 -18.27
CA ILE B 732 17.63 0.41 -18.34
C ILE B 732 18.48 -0.83 -18.60
N SER B 733 18.21 -1.94 -17.89
CA SER B 733 19.04 -3.17 -17.97
C SER B 733 18.37 -4.33 -17.23
N GLY B 734 18.89 -5.54 -17.46
CA GLY B 734 18.44 -6.78 -16.81
C GLY B 734 19.63 -7.64 -16.40
N GLN B 735 19.45 -8.54 -15.42
CA GLN B 735 20.51 -9.43 -14.90
C GLN B 735 20.00 -10.87 -14.79
N PHE B 736 20.80 -11.83 -15.28
CA PHE B 736 20.50 -13.28 -15.18
C PHE B 736 19.00 -13.50 -15.45
N LEU B 737 18.60 -13.38 -16.72
CA LEU B 737 17.17 -13.44 -17.13
C LEU B 737 16.83 -14.82 -17.70
N SER B 738 17.84 -15.57 -18.14
CA SER B 738 17.66 -16.94 -18.70
C SER B 738 18.93 -17.78 -18.47
N ASP B 739 18.74 -19.10 -18.44
CA ASP B 739 19.79 -20.12 -18.24
C ASP B 739 20.51 -20.34 -19.57
N ARG B 740 19.85 -20.01 -20.69
CA ARG B 740 20.39 -20.16 -22.07
C ARG B 740 20.57 -18.78 -22.70
N LYS B 741 21.67 -18.59 -23.43
CA LYS B 741 21.99 -17.33 -24.16
C LYS B 741 20.92 -17.13 -25.24
N VAL B 742 20.20 -16.01 -25.15
CA VAL B 742 19.07 -15.61 -26.03
C VAL B 742 18.78 -14.13 -25.81
N GLY B 743 18.22 -13.46 -26.82
CA GLY B 743 17.81 -12.05 -26.74
C GLY B 743 16.58 -11.88 -25.86
N ILE B 744 16.47 -10.74 -25.16
CA ILE B 744 15.33 -10.45 -24.25
C ILE B 744 14.66 -9.13 -24.67
N TYR B 745 13.34 -9.06 -24.51
CA TYR B 745 12.54 -7.83 -24.69
C TYR B 745 11.56 -7.74 -23.51
N VAL B 746 11.31 -6.53 -23.04
CA VAL B 746 10.44 -6.20 -21.87
C VAL B 746 9.23 -5.39 -22.34
N GLU B 747 8.03 -5.75 -21.86
CA GLU B 747 6.74 -5.05 -22.11
C GLU B 747 6.41 -4.19 -20.89
N VAL B 748 5.83 -3.02 -21.13
CA VAL B 748 5.39 -2.08 -20.06
C VAL B 748 3.97 -1.62 -20.38
N ASP B 749 2.98 -2.28 -19.77
CA ASP B 749 1.52 -2.07 -19.95
C ASP B 749 0.94 -1.36 -18.72
N MET B 750 -0.21 -0.70 -18.86
CA MET B 750 -0.92 -0.04 -17.72
C MET B 750 -2.40 -0.43 -17.76
N PHE B 751 -2.91 -1.01 -16.67
CA PHE B 751 -4.34 -1.40 -16.52
C PHE B 751 -5.04 -0.46 -15.54
N GLY B 752 -6.29 -0.10 -15.87
CA GLY B 752 -7.14 0.86 -15.13
C GLY B 752 -8.29 1.27 -16.02
N LEU B 753 -8.84 2.49 -15.84
CA LEU B 753 -9.92 3.03 -16.71
C LEU B 753 -9.52 2.85 -18.17
N PRO B 754 -10.51 2.78 -19.09
CA PRO B 754 -10.19 2.65 -20.52
C PRO B 754 -9.22 3.71 -21.06
N VAL B 755 -9.25 4.93 -20.50
CA VAL B 755 -8.35 6.03 -20.94
C VAL B 755 -6.95 5.81 -20.39
N ASP B 756 -6.86 5.18 -19.21
CA ASP B 756 -5.58 4.97 -18.48
C ASP B 756 -4.91 3.67 -18.94
N THR B 757 -5.48 2.95 -19.91
CA THR B 757 -4.97 1.63 -20.35
C THR B 757 -4.08 1.76 -21.59
N ARG B 758 -2.97 1.04 -21.61
CA ARG B 758 -2.00 0.94 -22.74
C ARG B 758 -1.36 -0.45 -22.72
N ARG B 759 -1.74 -1.31 -23.68
CA ARG B 759 -1.20 -2.68 -23.84
C ARG B 759 -0.42 -2.71 -25.16
N LYS B 760 0.57 -1.81 -25.24
CA LYS B 760 1.26 -1.42 -26.50
C LYS B 760 2.78 -1.55 -26.37
N TYR B 761 3.39 -0.88 -25.40
CA TYR B 761 4.86 -0.69 -25.31
C TYR B 761 5.60 -2.03 -25.21
N ARG B 762 6.82 -2.03 -25.75
CA ARG B 762 7.73 -3.20 -25.90
C ARG B 762 9.12 -2.69 -26.30
N THR B 763 10.17 -3.10 -25.58
CA THR B 763 11.57 -2.73 -25.91
C THR B 763 12.02 -3.56 -27.13
N ARG B 764 13.16 -3.24 -27.72
CA ARG B 764 13.67 -4.11 -28.83
C ARG B 764 14.46 -5.25 -28.19
N THR B 765 14.33 -6.45 -28.78
CA THR B 765 15.06 -7.68 -28.35
C THR B 765 16.50 -7.28 -28.02
N SER B 766 16.97 -7.64 -26.82
CA SER B 766 18.30 -7.30 -26.26
C SER B 766 19.43 -7.55 -27.28
N GLN B 767 20.57 -6.93 -27.01
CA GLN B 767 21.84 -7.02 -27.78
C GLN B 767 21.94 -8.37 -28.47
N GLY B 768 21.99 -9.46 -27.68
CA GLY B 768 22.11 -10.85 -28.16
C GLY B 768 22.30 -11.81 -27.00
N ASN B 769 22.38 -11.27 -25.78
CA ASN B 769 22.64 -12.05 -24.54
C ASN B 769 21.44 -11.99 -23.60
N SER B 770 21.57 -12.64 -22.43
CA SER B 770 20.55 -12.71 -21.35
C SER B 770 21.24 -12.56 -19.99
N PHE B 771 22.54 -12.24 -20.01
CA PHE B 771 23.39 -12.12 -18.80
C PHE B 771 23.27 -10.71 -18.19
N ASN B 772 23.70 -9.68 -18.92
CA ASN B 772 23.60 -8.27 -18.41
C ASN B 772 23.20 -7.33 -19.54
N PRO B 773 22.07 -7.60 -20.24
CA PRO B 773 21.62 -6.73 -21.33
C PRO B 773 21.33 -5.28 -20.88
N VAL B 774 21.78 -4.32 -21.67
CA VAL B 774 21.50 -2.86 -21.47
C VAL B 774 20.65 -2.39 -22.66
N TRP B 775 19.64 -1.56 -22.39
CA TRP B 775 18.74 -0.96 -23.40
C TRP B 775 18.91 0.56 -23.41
N ASP B 776 19.11 1.15 -24.59
CA ASP B 776 19.16 2.62 -24.76
C ASP B 776 17.97 3.01 -25.66
N GLU B 777 16.80 3.15 -25.04
CA GLU B 777 15.52 3.49 -25.74
C GLU B 777 14.78 4.56 -24.92
N GLU B 778 14.23 5.58 -25.57
CA GLU B 778 13.47 6.64 -24.84
C GLU B 778 12.55 5.97 -23.84
N PRO B 779 12.16 6.69 -22.78
CA PRO B 779 11.23 6.17 -21.76
C PRO B 779 9.84 5.97 -22.37
N PHE B 780 9.09 4.98 -21.87
CA PHE B 780 7.67 4.76 -22.24
C PHE B 780 6.83 5.73 -21.39
N ASP B 781 6.15 6.67 -22.05
CA ASP B 781 5.41 7.78 -21.39
C ASP B 781 3.90 7.48 -21.30
N PHE B 782 3.37 7.65 -20.08
CA PHE B 782 1.94 7.63 -19.72
C PHE B 782 1.64 9.03 -19.15
N PRO B 783 1.64 10.07 -20.02
CA PRO B 783 1.61 11.45 -19.55
C PRO B 783 0.39 11.85 -18.73
N LYS B 784 -0.73 11.15 -18.90
CA LYS B 784 -2.00 11.44 -18.18
C LYS B 784 -2.65 10.14 -17.73
N VAL B 785 -2.76 9.98 -16.41
CA VAL B 785 -3.48 8.86 -15.72
C VAL B 785 -4.64 9.51 -14.94
N VAL B 786 -5.84 9.46 -15.51
CA VAL B 786 -7.05 10.10 -14.91
C VAL B 786 -7.22 9.60 -13.47
N LEU B 787 -7.28 8.27 -13.29
CA LEU B 787 -7.54 7.63 -11.97
C LEU B 787 -6.33 6.77 -11.57
N PRO B 788 -5.19 7.40 -11.22
CA PRO B 788 -3.97 6.63 -10.94
C PRO B 788 -4.17 5.63 -9.79
N THR B 789 -5.12 5.96 -8.91
CA THR B 789 -5.47 5.20 -7.68
C THR B 789 -6.19 3.90 -8.06
N LEU B 790 -6.43 3.67 -9.36
CA LEU B 790 -7.08 2.44 -9.87
C LEU B 790 -6.18 1.79 -10.93
N ALA B 791 -5.06 2.42 -11.25
CA ALA B 791 -4.13 1.96 -12.31
C ALA B 791 -3.02 1.10 -11.71
N SER B 792 -2.63 0.06 -12.47
CA SER B 792 -1.56 -0.90 -12.11
C SER B 792 -0.62 -1.07 -13.31
N LEU B 793 0.66 -0.74 -13.11
CA LEU B 793 1.72 -0.93 -14.14
C LEU B 793 2.05 -2.42 -14.21
N ARG B 794 2.36 -2.92 -15.41
CA ARG B 794 2.76 -4.33 -15.64
C ARG B 794 4.09 -4.35 -16.40
N ILE B 795 5.13 -4.94 -15.80
CA ILE B 795 6.46 -5.08 -16.46
C ILE B 795 6.74 -6.57 -16.64
N ALA B 796 6.71 -7.04 -17.88
CA ALA B 796 6.91 -8.46 -18.23
C ALA B 796 8.12 -8.61 -19.16
N ALA B 797 9.00 -9.55 -18.83
CA ALA B 797 10.24 -9.87 -19.59
C ALA B 797 10.00 -11.13 -20.39
N PHE B 798 10.53 -11.19 -21.62
CA PHE B 798 10.34 -12.30 -22.58
C PHE B 798 11.65 -12.59 -23.31
N GLU B 799 11.79 -13.84 -23.78
CA GLU B 799 12.90 -14.29 -24.66
C GLU B 799 12.44 -14.20 -26.11
N GLU B 800 13.36 -13.96 -27.05
CA GLU B 800 13.07 -13.98 -28.50
C GLU B 800 12.26 -15.25 -28.80
N GLY B 801 10.98 -15.07 -29.17
CA GLY B 801 10.05 -16.17 -29.46
C GLY B 801 8.74 -16.03 -28.69
N GLY B 802 8.83 -15.51 -27.46
CA GLY B 802 7.66 -15.26 -26.60
C GLY B 802 7.72 -15.99 -25.28
N LYS B 803 8.83 -16.69 -25.00
CA LYS B 803 8.99 -17.46 -23.72
C LYS B 803 9.00 -16.48 -22.55
N PHE B 804 8.02 -16.60 -21.66
CA PHE B 804 7.81 -15.73 -20.48
C PHE B 804 8.93 -16.00 -19.44
N VAL B 805 9.73 -14.97 -19.15
CA VAL B 805 10.81 -15.03 -18.12
C VAL B 805 10.20 -14.74 -16.75
N GLY B 806 9.53 -13.59 -16.64
CA GLY B 806 8.85 -13.14 -15.42
C GLY B 806 8.17 -11.80 -15.64
N HIS B 807 7.48 -11.29 -14.64
CA HIS B 807 6.77 -9.99 -14.70
C HIS B 807 6.62 -9.41 -13.29
N ARG B 808 5.88 -8.32 -13.18
CA ARG B 808 5.60 -7.64 -11.89
C ARG B 808 4.40 -6.71 -12.07
N ILE B 809 3.50 -6.68 -11.08
CA ILE B 809 2.30 -5.80 -11.04
C ILE B 809 2.52 -4.78 -9.92
N LEU B 810 2.64 -3.50 -10.29
CA LEU B 810 2.91 -2.37 -9.38
C LEU B 810 1.76 -1.37 -9.41
N PRO B 811 1.26 -0.92 -8.23
CA PRO B 811 0.23 0.12 -8.19
C PRO B 811 0.85 1.49 -8.55
N VAL B 812 0.24 2.19 -9.52
CA VAL B 812 0.77 3.47 -10.05
C VAL B 812 0.90 4.50 -8.93
N SER B 813 0.00 4.50 -7.95
CA SER B 813 -0.05 5.50 -6.86
C SER B 813 1.04 5.26 -5.81
N ALA B 814 1.70 4.11 -5.82
CA ALA B 814 2.72 3.76 -4.80
C ALA B 814 4.11 3.66 -5.42
N ILE B 815 4.19 3.29 -6.71
CA ILE B 815 5.48 3.07 -7.42
C ILE B 815 6.36 4.32 -7.21
N ARG B 816 7.59 4.09 -6.74
CA ARG B 816 8.58 5.16 -6.43
C ARG B 816 9.27 5.63 -7.71
N SER B 817 10.02 6.73 -7.57
CA SER B 817 10.74 7.44 -8.65
C SER B 817 12.24 7.18 -8.48
N GLY B 818 12.96 7.17 -9.60
CA GLY B 818 14.41 6.96 -9.64
C GLY B 818 14.76 5.56 -10.11
N TYR B 819 16.04 5.20 -9.96
CA TYR B 819 16.61 3.88 -10.32
C TYR B 819 16.28 2.88 -9.20
N HIS B 820 15.52 1.84 -9.54
CA HIS B 820 15.12 0.76 -8.60
C HIS B 820 15.07 -0.59 -9.34
N TYR B 821 15.56 -1.63 -8.66
CA TYR B 821 15.50 -3.02 -9.18
C TYR B 821 14.06 -3.52 -9.06
N VAL B 822 13.56 -4.15 -10.13
CA VAL B 822 12.21 -4.78 -10.10
C VAL B 822 12.43 -6.30 -10.04
N CYS B 823 12.39 -6.84 -8.82
CA CYS B 823 12.59 -8.29 -8.61
C CYS B 823 11.38 -9.03 -9.22
N LEU B 824 11.65 -9.73 -10.33
CA LEU B 824 10.64 -10.37 -11.20
C LEU B 824 9.91 -11.52 -10.47
N ARG B 825 8.79 -11.95 -11.04
CA ARG B 825 7.86 -12.96 -10.46
C ARG B 825 7.41 -13.92 -11.57
N ASN B 826 6.90 -15.10 -11.22
CA ASN B 826 6.34 -16.05 -12.22
C ASN B 826 4.85 -15.74 -12.38
N GLU B 827 4.17 -16.45 -13.27
CA GLU B 827 2.73 -16.22 -13.59
C GLU B 827 1.91 -16.18 -12.29
N ALA B 828 2.30 -16.96 -11.29
CA ALA B 828 1.58 -17.11 -9.99
C ALA B 828 2.03 -16.03 -9.01
N ASN B 829 2.98 -15.19 -9.41
CA ASN B 829 3.46 -14.03 -8.59
C ASN B 829 4.43 -14.52 -7.50
N GLN B 830 4.92 -15.76 -7.60
CA GLN B 830 5.99 -16.28 -6.72
C GLN B 830 7.30 -15.60 -7.15
N PRO B 831 8.13 -15.16 -6.18
CA PRO B 831 9.39 -14.46 -6.49
C PRO B 831 10.51 -15.30 -7.13
N LEU B 832 10.92 -14.96 -8.35
CA LEU B 832 12.11 -15.61 -8.98
C LEU B 832 13.33 -15.10 -8.23
N CYS B 833 14.51 -15.67 -8.48
CA CYS B 833 15.70 -15.33 -7.65
C CYS B 833 16.69 -14.48 -8.44
N LEU B 834 17.31 -15.06 -9.48
CA LEU B 834 18.36 -14.40 -10.28
C LEU B 834 17.79 -13.35 -11.23
N PRO B 835 16.65 -13.61 -11.92
CA PRO B 835 16.10 -12.63 -12.86
C PRO B 835 15.68 -11.32 -12.20
N ALA B 836 16.09 -10.19 -12.80
CA ALA B 836 15.73 -8.84 -12.31
C ALA B 836 15.99 -7.82 -13.42
N LEU B 837 15.34 -6.66 -13.29
CA LEU B 837 15.50 -5.49 -14.21
C LEU B 837 15.75 -4.25 -13.37
N LEU B 838 16.69 -3.42 -13.81
CA LEU B 838 16.96 -2.07 -13.26
C LEU B 838 16.15 -1.08 -14.11
N ILE B 839 15.13 -0.43 -13.53
CA ILE B 839 14.28 0.54 -14.27
C ILE B 839 14.38 1.92 -13.62
N TYR B 840 14.12 2.98 -14.40
CA TYR B 840 14.04 4.39 -13.96
C TYR B 840 12.61 4.88 -14.14
N THR B 841 11.97 5.35 -13.05
CA THR B 841 10.58 5.84 -13.10
C THR B 841 10.50 7.28 -12.59
N GLU B 842 9.48 7.98 -13.11
CA GLU B 842 9.03 9.33 -12.66
C GLU B 842 7.50 9.31 -12.61
N ALA B 843 6.99 9.00 -11.41
CA ALA B 843 5.56 9.03 -11.07
C ALA B 843 5.31 10.39 -10.38
N SER B 844 4.65 11.31 -11.09
CA SER B 844 4.40 12.69 -10.61
C SER B 844 2.90 13.02 -10.73
N ASP B 845 2.50 14.05 -9.98
CA ASP B 845 1.12 14.63 -10.02
C ASP B 845 0.94 15.35 -11.37
N TYR B 846 -0.15 15.03 -12.09
CA TYR B 846 -0.43 15.57 -13.45
C TYR B 846 -0.63 17.08 -13.40
N ILE B 847 -0.09 17.75 -14.42
CA ILE B 847 -0.23 19.22 -14.65
C ILE B 847 -0.62 19.42 -16.11
N PRO B 848 -1.84 19.93 -16.40
CA PRO B 848 -2.19 20.19 -17.81
C PRO B 848 -1.04 20.86 -18.59
N ASP B 849 -1.06 20.71 -19.91
CA ASP B 849 -0.07 21.25 -20.89
C ASP B 849 0.19 22.75 -20.69
N ASP B 850 -0.81 23.55 -20.33
CA ASP B 850 -0.64 25.03 -20.31
C ASP B 850 -0.48 25.56 -18.88
N HIS B 851 -1.07 24.89 -17.89
CA HIS B 851 -1.11 25.35 -16.47
C HIS B 851 0.23 25.10 -15.76
N GLN B 852 1.29 24.84 -16.53
CA GLN B 852 2.66 24.57 -15.99
C GLN B 852 3.22 25.84 -15.32
N ASP B 853 2.82 27.02 -15.76
CA ASP B 853 3.31 28.31 -15.21
C ASP B 853 2.67 28.56 -13.84
N TYR B 854 1.34 28.43 -13.78
CA TYR B 854 0.52 28.64 -12.56
C TYR B 854 0.89 27.59 -11.50
N ALA B 855 1.26 26.38 -11.96
CA ALA B 855 1.70 25.27 -11.08
C ALA B 855 2.99 25.66 -10.35
N GLU B 856 3.98 26.14 -11.09
CA GLU B 856 5.32 26.50 -10.54
C GLU B 856 5.18 27.71 -9.61
N ALA B 857 4.20 28.56 -9.86
CA ALA B 857 4.00 29.82 -9.09
C ALA B 857 3.40 29.50 -7.72
N LEU B 858 2.62 28.42 -7.63
CA LEU B 858 1.92 27.98 -6.39
C LEU B 858 2.92 27.24 -5.49
N ILE B 859 3.91 26.60 -6.13
CA ILE B 859 4.94 25.72 -5.49
C ILE B 859 6.03 26.59 -4.84
N ASN B 860 6.69 27.48 -5.57
CA ASN B 860 7.67 28.44 -5.00
C ASN B 860 7.23 29.85 -5.37
N PRO B 861 6.22 30.40 -4.67
CA PRO B 861 5.65 31.71 -5.01
C PRO B 861 6.54 32.93 -4.73
N ILE B 862 7.45 32.85 -3.76
CA ILE B 862 8.34 33.97 -3.35
C ILE B 862 9.20 34.39 -4.56
N LYS B 863 9.79 33.44 -5.27
CA LYS B 863 10.63 33.74 -6.46
C LYS B 863 9.78 34.55 -7.45
N HIS B 864 8.54 34.13 -7.66
CA HIS B 864 7.60 34.76 -8.63
C HIS B 864 7.32 36.22 -8.22
N VAL B 865 6.98 36.45 -6.95
CA VAL B 865 6.60 37.79 -6.42
C VAL B 865 7.87 38.62 -6.15
N SER B 866 9.04 38.01 -6.26
CA SER B 866 10.35 38.68 -6.06
C SER B 866 10.75 39.45 -7.32
N LEU B 867 10.43 38.88 -8.49
CA LEU B 867 10.74 39.47 -9.83
C LEU B 867 9.78 40.63 -10.14
N MET B 868 8.48 40.45 -9.92
CA MET B 868 7.43 41.48 -10.20
C MET B 868 7.62 42.69 -9.27
N ASP B 869 8.24 42.47 -8.10
CA ASP B 869 8.52 43.54 -7.11
C ASP B 869 9.85 44.19 -7.49
N GLN B 870 10.74 43.44 -8.14
CA GLN B 870 12.06 43.91 -8.62
C GLN B 870 11.84 44.85 -9.81
N ARG B 871 11.15 44.35 -10.84
CA ARG B 871 10.78 45.11 -12.07
C ARG B 871 10.10 46.42 -11.66
N ALA B 872 9.11 46.35 -10.77
CA ALA B 872 8.36 47.54 -10.31
C ALA B 872 9.32 48.55 -9.66
N ARG B 873 10.26 48.06 -8.85
CA ARG B 873 11.27 48.88 -8.12
C ARG B 873 12.22 49.52 -9.13
N GLN B 874 12.44 48.86 -10.28
CA GLN B 874 13.36 49.32 -11.35
C GLN B 874 12.66 50.31 -12.28
N LEU B 875 11.36 50.57 -12.09
CA LEU B 875 10.54 51.47 -12.94
C LEU B 875 10.06 52.68 -12.13
N ALA B 876 10.48 52.77 -10.87
CA ALA B 876 10.04 53.88 -9.99
C ALA B 876 10.56 55.21 -10.55
N ALA B 877 11.75 55.19 -11.17
CA ALA B 877 12.41 56.37 -11.77
C ALA B 877 11.44 57.05 -12.75
N LEU B 878 10.93 56.28 -13.71
CA LEU B 878 9.93 56.78 -14.70
C LEU B 878 8.55 56.61 -14.06
N ILE B 879 8.28 57.34 -12.98
CA ILE B 879 7.08 57.11 -12.11
C ILE B 879 6.62 55.66 -12.32
AL ALF C . -1.32 21.04 6.40
F1 ALF C . -2.07 22.41 5.53
F2 ALF C . -0.64 19.65 7.33
F3 ALF C . -1.99 19.90 5.20
F4 ALF C . -0.47 22.18 7.51
MG MG D . -4.67 20.93 6.40
PB GDP E . -3.56 23.10 8.22
O1B GDP E . -2.49 22.31 7.51
O2B GDP E . -4.85 22.30 8.21
O3B GDP E . -3.64 24.55 7.86
O3A GDP E . -3.25 23.29 9.80
PA GDP E . -4.23 22.58 10.87
O1A GDP E . -3.87 21.12 10.75
O2A GDP E . -5.66 22.98 10.62
O5' GDP E . -3.87 23.18 12.32
C5' GDP E . -2.49 23.20 12.67
C4' GDP E . -2.32 23.21 14.18
O4' GDP E . -2.49 24.56 14.61
C3' GDP E . -3.37 22.38 14.92
O3' GDP E . -2.78 21.82 16.10
C2' GDP E . -4.38 23.39 15.40
O2' GDP E . -4.98 22.99 16.64
C1' GDP E . -3.54 24.65 15.57
N9 GDP E . -4.34 25.87 15.33
C8 GDP E . -5.05 26.15 14.22
N7 GDP E . -5.67 27.36 14.32
C5 GDP E . -5.31 27.90 15.50
C6 GDP E . -5.51 29.18 16.20
O6 GDP E . -6.25 30.06 15.70
N1 GDP E . -5.01 29.31 17.43
C2 GDP E . -4.21 28.36 17.97
N2 GDP E . -3.70 28.54 19.22
N3 GDP E . -3.95 27.18 17.38
C4 GDP E . -4.45 26.89 16.17
C ACT F . 4.83 3.71 23.99
O ACT F . 3.64 3.40 23.83
OXT ACT F . 5.23 4.46 24.91
CH3 ACT F . 5.86 3.17 23.00
C ACT G . -7.12 16.80 -19.52
O ACT G . -8.16 16.11 -19.46
OXT ACT G . -6.76 17.60 -18.64
CH3 ACT G . -6.27 16.67 -20.78
C ACT H . 0.84 -18.58 -1.28
O ACT H . 1.52 -18.57 -2.33
OXT ACT H . 0.81 -17.65 -0.46
CH3 ACT H . -0.03 -19.81 -1.00
C ACT I . -25.05 6.23 -17.46
O ACT I . -24.54 5.79 -18.51
OXT ACT I . -25.52 5.51 -16.56
CH3 ACT I . -25.10 7.75 -17.28
C ACT J . -6.71 -2.09 -8.87
O ACT J . -6.19 -1.91 -10.00
OXT ACT J . -6.31 -1.52 -7.84
CH3 ACT J . -7.89 -3.05 -8.76
C ACT K . 18.06 -19.49 -6.65
O ACT K . 18.65 -19.01 -7.65
OXT ACT K . 18.06 -18.97 -5.51
CH3 ACT K . 17.30 -20.81 -6.83
C ACT L . 24.34 -7.84 -10.50
O ACT L . 24.79 -8.36 -11.55
OXT ACT L . 23.13 -7.78 -10.22
CH3 ACT L . 25.34 -7.26 -9.51
CA CA M . -21.02 -22.16 -12.72
MG MG N . 14.19 6.00 -1.35
#